data_6A4B
#
_entry.id   6A4B
#
_cell.length_a   48.715
_cell.length_b   87.317
_cell.length_c   432.941
_cell.angle_alpha   90.00
_cell.angle_beta   90.00
_cell.angle_gamma   90.00
#
_symmetry.space_group_name_H-M   'P 21 21 21'
#
loop_
_entity.id
_entity.type
_entity.pdbx_description
1 polymer 'Three prime repair exonuclease 2'
2 polymer "DNA (5'-D(*GP*GP*CP*CP*CP*TP*TP*AP*GP*GP*GP*CP*CP*TP*T)-3')"
3 non-polymer 'MAGNESIUM ION'
4 water water
#
loop_
_entity_poly.entity_id
_entity_poly.type
_entity_poly.pdbx_seq_one_letter_code
_entity_poly.pdbx_strand_id
1 'polypeptide(L)'
;MGSSHHHHHHSSGLVPRGSHMSEPPRAETFVFLDLEATGLPNMDPEIAEISLFAVHRSSLENPERDDSGSLVLPRVLDKL
TLCMCPERPFTAKASEITGLSSESLMHCGKAGFNGAVVRTLQGFLSRQEGPICLVAHNGFDYDFPLLCTELQRLGAHLPQ
DTVCLDTLPALRGLDRAHSHGTRAQGRKSYSLASLFHRYFQAEPSAAHSAEGDVHTLLLIFLHRAPELLAWADEQARSWA
HIEPMYVPPDGPSLEA
;
A,B,C,D,E,F
2 'polydeoxyribonucleotide' (DG)(DG)(DC)(DC)(DC)(DT)(DC)(DT)(DT)(DT)(DA)(DG)(DG)(DG)(DC)(DC)(DT)(DT) G,H,I,J,K,L
#
# COMPACT_ATOMS: atom_id res chain seq x y z
N PRO A 24 4.90 15.84 -17.56
CA PRO A 24 4.26 15.30 -16.35
C PRO A 24 3.95 13.81 -16.48
N PRO A 25 4.90 12.94 -16.08
CA PRO A 25 4.72 11.49 -16.19
C PRO A 25 3.87 10.91 -15.06
N ARG A 26 3.00 9.96 -15.41
CA ARG A 26 2.09 9.33 -14.45
C ARG A 26 2.86 8.53 -13.40
N ALA A 27 2.62 8.84 -12.13
CA ALA A 27 3.32 8.18 -11.04
C ALA A 27 2.58 6.91 -10.58
N GLU A 28 3.32 5.82 -10.45
CA GLU A 28 2.72 4.55 -10.05
C GLU A 28 2.88 4.27 -8.55
N THR A 29 3.88 4.89 -7.92
CA THR A 29 4.06 4.77 -6.48
C THR A 29 4.24 6.14 -5.84
N PHE A 30 3.43 6.43 -4.82
CA PHE A 30 3.52 7.69 -4.11
C PHE A 30 4.25 7.53 -2.77
N VAL A 31 5.42 8.15 -2.67
CA VAL A 31 6.23 8.09 -1.46
C VAL A 31 6.05 9.33 -0.60
N PHE A 32 5.33 9.19 0.51
CA PHE A 32 5.08 10.30 1.40
C PHE A 32 6.24 10.46 2.38
N LEU A 33 6.79 11.67 2.47
CA LEU A 33 7.93 11.91 3.34
C LEU A 33 7.77 13.16 4.20
N ASP A 34 8.44 13.15 5.35
CA ASP A 34 8.50 14.29 6.24
C ASP A 34 9.91 14.37 6.82
N LEU A 35 10.40 15.58 7.04
CA LEU A 35 11.77 15.78 7.51
C LEU A 35 11.83 16.50 8.85
N GLU A 36 12.62 15.96 9.77
CA GLU A 36 12.88 16.62 11.05
C GLU A 36 14.28 17.22 11.04
N ALA A 37 14.36 18.54 11.21
CA ALA A 37 15.62 19.25 11.04
C ALA A 37 16.02 20.04 12.28
N THR A 38 17.20 20.64 12.22
CA THR A 38 17.74 21.42 13.32
C THR A 38 17.00 22.76 13.47
N GLY A 39 16.26 23.14 12.43
CA GLY A 39 15.48 24.37 12.44
C GLY A 39 14.90 24.76 11.08
N LEU A 40 14.59 26.04 10.90
CA LEU A 40 14.05 26.56 9.63
C LEU A 40 15.17 26.97 8.67
N PRO A 41 14.86 27.16 7.38
CA PRO A 41 15.86 27.43 6.34
C PRO A 41 17.07 28.34 6.66
N ASN A 42 16.97 29.21 7.66
CA ASN A 42 18.03 30.18 7.94
C ASN A 42 19.09 29.70 8.93
N MET A 43 19.14 28.40 9.18
CA MET A 43 19.96 27.89 10.27
C MET A 43 21.45 27.69 9.96
N ASP A 44 21.85 27.06 8.85
CA ASP A 44 20.99 26.45 7.82
C ASP A 44 20.73 25.00 8.24
N PRO A 45 19.48 24.53 8.12
CA PRO A 45 19.11 23.27 8.78
C PRO A 45 19.72 22.00 8.18
N GLU A 46 19.77 20.93 8.97
CA GLU A 46 20.18 19.60 8.48
C GLU A 46 19.16 18.53 8.89
N ILE A 47 18.99 17.50 8.07
CA ILE A 47 18.06 16.43 8.38
C ILE A 47 18.54 15.64 9.59
N ALA A 48 17.66 15.50 10.57
CA ALA A 48 17.96 14.73 11.78
C ALA A 48 17.21 13.41 11.76
N GLU A 49 16.01 13.43 11.16
CA GLU A 49 15.21 12.23 11.00
C GLU A 49 14.44 12.28 9.69
N ILE A 50 14.56 11.22 8.90
CA ILE A 50 13.78 11.11 7.67
C ILE A 50 12.82 9.92 7.75
N SER A 51 11.61 10.10 7.24
CA SER A 51 10.61 9.04 7.22
C SER A 51 9.87 9.01 5.90
N LEU A 52 9.67 7.81 5.35
CA LEU A 52 9.01 7.66 4.06
C LEU A 52 8.01 6.51 4.07
N PHE A 53 6.78 6.81 3.67
CA PHE A 53 5.76 5.78 3.46
C PHE A 53 5.56 5.60 1.96
N ALA A 54 5.79 4.40 1.46
CA ALA A 54 5.63 4.14 0.03
C ALA A 54 4.32 3.41 -0.26
N VAL A 55 3.40 4.13 -0.93
CA VAL A 55 2.10 3.57 -1.27
C VAL A 55 1.92 3.48 -2.79
N HIS A 56 1.50 2.32 -3.28
CA HIS A 56 1.21 2.16 -4.70
C HIS A 56 -0.05 2.94 -5.10
N ARG A 57 -0.13 3.32 -6.36
CA ARG A 57 -1.25 4.14 -6.84
C ARG A 57 -2.58 3.41 -6.68
N SER A 58 -2.55 2.09 -6.84
CA SER A 58 -3.73 1.24 -6.66
C SER A 58 -4.42 1.49 -5.33
N SER A 59 -3.64 1.48 -4.25
CA SER A 59 -4.15 1.69 -2.91
C SER A 59 -4.76 3.08 -2.72
N LEU A 60 -4.37 4.02 -3.58
CA LEU A 60 -4.88 5.39 -3.50
C LEU A 60 -6.15 5.56 -4.32
N GLU A 61 -6.23 4.83 -5.43
CA GLU A 61 -7.39 4.90 -6.30
C GLU A 61 -8.64 4.33 -5.61
N ASN A 62 -8.50 3.16 -5.00
CA ASN A 62 -9.56 2.63 -4.14
C ASN A 62 -9.03 2.32 -2.74
N PRO A 63 -9.21 3.26 -1.81
CA PRO A 63 -8.77 3.17 -0.41
C PRO A 63 -9.39 2.01 0.34
N GLU A 64 -8.70 1.55 1.39
CA GLU A 64 -9.22 0.54 2.29
C GLU A 64 -9.91 1.21 3.46
N ARG A 65 -11.04 0.66 3.88
CA ARG A 65 -11.78 1.21 5.02
C ARG A 65 -12.11 0.15 6.07
N ASP A 66 -12.36 0.61 7.29
CA ASP A 66 -12.77 -0.25 8.38
C ASP A 66 -14.17 -0.81 8.18
N ASP A 67 -14.64 -1.55 9.17
CA ASP A 67 -16.05 -1.96 9.22
C ASP A 67 -16.87 -0.83 9.83
N SER A 68 -16.17 0.18 10.35
CA SER A 68 -16.81 1.34 10.96
C SER A 68 -17.67 2.20 10.00
N GLY A 69 -17.18 2.59 8.83
CA GLY A 69 -15.85 2.30 8.30
C GLY A 69 -15.01 3.55 8.15
N SER A 70 -13.94 3.62 8.94
CA SER A 70 -13.01 4.75 8.88
C SER A 70 -11.92 4.48 7.87
N LEU A 71 -11.24 5.54 7.43
CA LEU A 71 -10.11 5.38 6.51
C LEU A 71 -8.97 4.63 7.18
N VAL A 72 -8.32 3.75 6.41
CA VAL A 72 -7.24 2.93 6.94
C VAL A 72 -6.06 2.96 5.97
N LEU A 73 -4.84 2.96 6.51
CA LEU A 73 -3.63 2.89 5.69
C LEU A 73 -3.61 1.58 4.91
N PRO A 74 -3.02 1.60 3.70
CA PRO A 74 -2.91 0.41 2.85
C PRO A 74 -2.19 -0.74 3.54
N ARG A 75 -2.55 -1.97 3.19
CA ARG A 75 -1.91 -3.14 3.77
C ARG A 75 -0.49 -3.29 3.23
N VAL A 76 -0.35 -3.23 1.91
CA VAL A 76 0.97 -3.24 1.29
C VAL A 76 1.58 -1.85 1.38
N LEU A 77 2.38 -1.64 2.41
CA LEU A 77 2.93 -0.32 2.71
C LEU A 77 4.41 -0.39 3.05
N ASP A 78 5.26 0.00 2.11
CA ASP A 78 6.70 0.00 2.34
C ASP A 78 7.10 1.24 3.12
N LYS A 79 7.90 1.04 4.16
CA LYS A 79 8.22 2.12 5.09
C LYS A 79 9.72 2.19 5.38
N LEU A 80 10.23 3.41 5.55
CA LEU A 80 11.62 3.62 5.94
C LEU A 80 11.79 4.84 6.84
N THR A 81 12.43 4.62 7.98
CA THR A 81 12.80 5.72 8.88
C THR A 81 14.26 5.61 9.28
N LEU A 82 15.01 6.67 9.02
CA LEU A 82 16.41 6.75 9.45
C LEU A 82 16.64 7.97 10.32
N CYS A 83 17.26 7.77 11.48
CA CYS A 83 17.68 8.89 12.32
C CYS A 83 19.12 9.25 12.03
N MET A 84 19.43 10.54 12.15
CA MET A 84 20.77 11.05 11.84
C MET A 84 21.18 12.16 12.81
N CYS A 85 22.46 12.20 13.14
CA CYS A 85 23.00 13.30 13.94
C CYS A 85 23.57 14.39 13.03
N PRO A 86 22.96 15.57 13.05
CA PRO A 86 23.39 16.70 12.21
C PRO A 86 24.76 17.26 12.62
N GLU A 87 25.42 17.94 11.70
CA GLU A 87 26.75 18.50 11.94
C GLU A 87 26.69 19.69 12.90
N ARG A 88 25.75 20.60 12.65
CA ARG A 88 25.56 21.77 13.50
C ARG A 88 24.36 21.56 14.42
N PRO A 89 24.39 22.16 15.62
CA PRO A 89 23.36 21.91 16.63
C PRO A 89 21.96 22.37 16.23
N PHE A 90 20.97 21.94 17.01
CA PHE A 90 19.58 22.32 16.79
C PHE A 90 19.33 23.76 17.26
N THR A 91 18.12 24.24 17.08
CA THR A 91 17.71 25.52 17.65
C THR A 91 16.85 25.28 18.88
N ALA A 92 16.30 26.35 19.44
CA ALA A 92 15.51 26.24 20.66
C ALA A 92 14.20 25.49 20.42
N LYS A 93 13.37 26.01 19.53
CA LYS A 93 12.04 25.45 19.31
C LYS A 93 12.10 24.11 18.58
N ALA A 94 13.12 23.95 17.75
CA ALA A 94 13.25 22.73 16.94
C ALA A 94 13.48 21.51 17.82
N SER A 95 14.45 21.59 18.72
CA SER A 95 14.76 20.47 19.61
C SER A 95 13.62 20.20 20.57
N GLU A 96 12.74 21.18 20.72
CA GLU A 96 11.55 21.05 21.57
C GLU A 96 10.45 20.25 20.88
N ILE A 97 10.26 20.52 19.58
CA ILE A 97 9.16 19.89 18.84
C ILE A 97 9.60 18.62 18.12
N THR A 98 10.84 18.19 18.36
CA THR A 98 11.34 16.98 17.71
C THR A 98 11.73 15.91 18.72
N GLY A 99 12.07 16.32 19.93
CA GLY A 99 12.50 15.39 20.95
C GLY A 99 13.86 14.81 20.63
N LEU A 100 14.61 15.50 19.78
CA LEU A 100 15.93 15.06 19.37
C LEU A 100 16.99 16.12 19.67
N SER A 101 18.09 15.69 20.29
CA SER A 101 19.23 16.57 20.49
C SER A 101 20.42 16.02 19.71
N SER A 102 21.45 16.82 19.54
CA SER A 102 22.61 16.42 18.77
C SER A 102 23.40 15.32 19.49
N GLU A 103 23.28 15.27 20.81
CA GLU A 103 24.07 14.34 21.60
C GLU A 103 23.33 13.02 21.81
N SER A 104 22.00 13.06 21.86
CA SER A 104 21.21 11.85 22.02
C SER A 104 21.30 11.00 20.75
N LEU A 105 21.33 11.67 19.60
CA LEU A 105 21.51 10.99 18.33
C LEU A 105 22.92 10.44 18.23
N MET A 106 23.85 11.12 18.87
CA MET A 106 25.24 10.68 18.87
C MET A 106 25.45 9.59 19.91
N HIS A 107 24.64 9.65 20.97
CA HIS A 107 24.69 8.63 22.01
C HIS A 107 24.23 7.28 21.47
N CYS A 108 23.38 7.32 20.46
CA CYS A 108 22.85 6.11 19.84
C CYS A 108 23.65 5.66 18.62
N GLY A 109 24.80 6.31 18.41
CA GLY A 109 25.69 5.92 17.33
C GLY A 109 25.24 6.30 15.93
N LYS A 110 24.20 7.13 15.84
CA LYS A 110 23.70 7.57 14.55
C LYS A 110 24.66 8.59 13.92
N ALA A 111 25.15 8.29 12.73
CA ALA A 111 26.02 9.19 12.01
C ALA A 111 25.22 10.34 11.39
N GLY A 112 25.89 11.14 10.57
CA GLY A 112 25.21 12.21 9.87
C GLY A 112 24.69 11.73 8.53
N PHE A 113 24.05 12.61 7.77
CA PHE A 113 23.59 12.29 6.44
C PHE A 113 24.78 11.91 5.56
N ASN A 114 25.04 10.61 5.43
CA ASN A 114 26.19 10.14 4.68
C ASN A 114 25.81 9.16 3.57
N GLY A 115 26.79 8.38 3.12
CA GLY A 115 26.59 7.45 2.03
C GLY A 115 25.66 6.29 2.37
N ALA A 116 25.64 5.90 3.64
CA ALA A 116 24.76 4.82 4.09
C ALA A 116 23.30 5.19 3.87
N VAL A 117 22.96 6.41 4.27
CA VAL A 117 21.62 6.95 4.05
C VAL A 117 21.21 6.86 2.58
N VAL A 118 22.11 7.30 1.70
CA VAL A 118 21.86 7.29 0.27
C VAL A 118 21.62 5.89 -0.26
N ARG A 119 22.46 4.95 0.15
CA ARG A 119 22.34 3.57 -0.30
C ARG A 119 21.05 2.93 0.19
N THR A 120 20.66 3.28 1.42
CA THR A 120 19.40 2.81 1.98
C THR A 120 18.21 3.47 1.29
N LEU A 121 18.29 4.79 1.14
CA LEU A 121 17.22 5.55 0.52
C LEU A 121 16.98 5.09 -0.91
N GLN A 122 18.05 4.96 -1.68
CA GLN A 122 17.94 4.57 -3.07
C GLN A 122 17.51 3.13 -3.23
N GLY A 123 17.96 2.27 -2.32
CA GLY A 123 17.52 0.89 -2.30
C GLY A 123 16.02 0.83 -2.04
N PHE A 124 15.57 1.56 -1.03
CA PHE A 124 14.16 1.67 -0.70
C PHE A 124 13.35 2.16 -1.90
N LEU A 125 13.83 3.21 -2.55
CA LEU A 125 13.14 3.77 -3.71
C LEU A 125 13.20 2.82 -4.89
N SER A 126 14.27 2.05 -4.96
CA SER A 126 14.43 1.04 -6.01
C SER A 126 13.42 -0.09 -5.86
N ARG A 127 12.91 -0.26 -4.65
CA ARG A 127 11.96 -1.33 -4.36
C ARG A 127 10.55 -0.95 -4.76
N GLN A 128 10.38 0.29 -5.19
CA GLN A 128 9.07 0.76 -5.62
C GLN A 128 8.94 0.68 -7.13
N GLU A 129 7.71 0.64 -7.62
CA GLU A 129 7.47 0.61 -9.06
C GLU A 129 7.31 2.03 -9.59
N GLY A 130 8.34 2.50 -10.29
CA GLY A 130 8.35 3.86 -10.82
C GLY A 130 7.34 4.08 -11.92
N PRO A 131 7.10 5.35 -12.28
CA PRO A 131 7.72 6.56 -11.72
C PRO A 131 7.25 6.87 -10.30
N ILE A 132 8.13 7.49 -9.52
CA ILE A 132 7.83 7.81 -8.12
C ILE A 132 7.44 9.27 -7.94
N CYS A 133 6.38 9.50 -7.17
CA CYS A 133 5.99 10.86 -6.81
C CYS A 133 6.22 11.10 -5.33
N LEU A 134 7.27 11.85 -5.00
CA LEU A 134 7.50 12.24 -3.61
C LEU A 134 6.41 13.22 -3.18
N VAL A 135 5.87 13.00 -2.00
CA VAL A 135 4.82 13.88 -1.48
C VAL A 135 5.17 14.37 -0.08
N ALA A 136 5.19 15.68 0.10
CA ALA A 136 5.46 16.27 1.40
C ALA A 136 4.68 17.57 1.56
N HIS A 137 4.18 17.81 2.77
CA HIS A 137 3.42 19.04 3.05
C HIS A 137 4.37 20.23 3.10
N ASN A 138 4.07 21.25 2.30
CA ASN A 138 4.95 22.41 2.09
C ASN A 138 6.32 21.96 1.61
N GLY A 139 6.32 20.95 0.75
CA GLY A 139 7.56 20.37 0.24
C GLY A 139 8.34 21.30 -0.65
N PHE A 140 7.65 22.12 -1.44
CA PHE A 140 8.30 23.06 -2.34
C PHE A 140 9.14 24.08 -1.59
N ASP A 141 8.71 24.45 -0.40
CA ASP A 141 9.37 25.50 0.36
C ASP A 141 10.25 25.00 1.50
N TYR A 142 10.27 23.68 1.71
CA TYR A 142 11.05 23.13 2.82
C TYR A 142 11.65 21.75 2.55
N ASP A 143 10.82 20.72 2.60
CA ASP A 143 11.29 19.33 2.55
C ASP A 143 12.13 18.99 1.32
N PHE A 144 11.63 19.34 0.14
CA PHE A 144 12.34 19.01 -1.10
C PHE A 144 13.68 19.76 -1.26
N PRO A 145 13.70 21.08 -0.98
CA PRO A 145 15.01 21.73 -1.05
C PRO A 145 16.00 21.21 0.00
N LEU A 146 15.51 20.96 1.21
CA LEU A 146 16.36 20.48 2.29
C LEU A 146 17.00 19.15 1.91
N LEU A 147 16.21 18.28 1.30
CA LEU A 147 16.68 16.97 0.87
C LEU A 147 17.68 17.07 -0.27
N CYS A 148 17.41 17.97 -1.22
CA CYS A 148 18.29 18.20 -2.37
C CYS A 148 19.67 18.66 -1.91
N THR A 149 19.71 19.48 -0.87
CA THR A 149 20.96 19.96 -0.31
C THR A 149 21.80 18.81 0.23
N GLU A 150 21.18 17.96 1.05
CA GLU A 150 21.86 16.84 1.67
C GLU A 150 22.26 15.77 0.65
N LEU A 151 21.52 15.68 -0.44
CA LEU A 151 21.80 14.68 -1.47
C LEU A 151 22.87 15.16 -2.45
N GLN A 152 22.89 16.45 -2.75
CA GLN A 152 23.87 17.00 -3.69
C GLN A 152 25.25 17.10 -3.07
N ARG A 153 25.30 17.21 -1.75
CA ARG A 153 26.57 17.28 -1.04
C ARG A 153 27.36 15.99 -1.21
N LEU A 154 26.65 14.90 -1.42
CA LEU A 154 27.27 13.58 -1.60
C LEU A 154 27.30 13.18 -3.06
N GLY A 155 26.76 14.04 -3.92
CA GLY A 155 26.70 13.75 -5.33
C GLY A 155 25.69 12.65 -5.65
N ALA A 156 24.63 12.58 -4.86
CA ALA A 156 23.64 11.52 -4.99
C ALA A 156 22.46 11.93 -5.86
N HIS A 157 21.97 10.99 -6.66
CA HIS A 157 20.86 11.27 -7.56
C HIS A 157 19.65 10.35 -7.31
N LEU A 158 18.46 10.91 -7.47
CA LEU A 158 17.23 10.13 -7.51
C LEU A 158 16.94 9.78 -8.97
N PRO A 159 16.14 8.74 -9.21
CA PRO A 159 15.74 8.41 -10.59
C PRO A 159 15.19 9.62 -11.35
N GLN A 160 15.56 9.72 -12.63
CA GLN A 160 15.23 10.89 -13.44
C GLN A 160 13.74 11.17 -13.54
N ASP A 161 12.93 10.12 -13.54
CA ASP A 161 11.49 10.28 -13.71
C ASP A 161 10.73 10.58 -12.42
N THR A 162 11.46 10.77 -11.32
CA THR A 162 10.84 11.12 -10.05
C THR A 162 10.19 12.50 -10.15
N VAL A 163 8.99 12.62 -9.60
CA VAL A 163 8.30 13.91 -9.57
C VAL A 163 7.92 14.28 -8.15
N CYS A 164 7.52 15.53 -7.94
CA CYS A 164 7.24 16.03 -6.60
C CYS A 164 5.85 16.62 -6.48
N LEU A 165 5.14 16.24 -5.42
CA LEU A 165 3.83 16.80 -5.13
C LEU A 165 3.81 17.49 -3.78
N ASP A 166 3.44 18.77 -3.78
CA ASP A 166 3.28 19.53 -2.55
C ASP A 166 1.78 19.66 -2.28
N THR A 167 1.35 19.21 -1.11
CA THR A 167 -0.08 19.18 -0.78
C THR A 167 -0.60 20.55 -0.36
N LEU A 168 0.30 21.47 -0.03
CA LEU A 168 -0.11 22.80 0.43
C LEU A 168 -0.69 23.67 -0.69
N PRO A 169 0.00 23.78 -1.85
CA PRO A 169 -0.65 24.57 -2.89
C PRO A 169 -1.77 23.79 -3.57
N ALA A 170 -1.69 22.47 -3.50
CA ALA A 170 -2.67 21.61 -4.16
C ALA A 170 -4.05 21.73 -3.51
N LEU A 171 -4.09 21.57 -2.19
CA LEU A 171 -5.35 21.61 -1.46
C LEU A 171 -5.91 23.03 -1.40
N ARG A 172 -5.02 24.02 -1.55
CA ARG A 172 -5.46 25.41 -1.54
C ARG A 172 -6.08 25.78 -2.89
N GLY A 173 -5.54 25.20 -3.97
CA GLY A 173 -6.03 25.45 -5.30
C GLY A 173 -7.29 24.70 -5.63
N LEU A 174 -7.51 23.57 -4.95
CA LEU A 174 -8.67 22.73 -5.19
C LEU A 174 -9.92 23.24 -4.46
N ASP A 175 -9.70 24.00 -3.39
CA ASP A 175 -10.80 24.50 -2.57
C ASP A 175 -11.61 25.56 -3.30
N ARG A 176 -10.92 26.41 -4.06
CA ARG A 176 -11.59 27.41 -4.88
C ARG A 176 -10.76 27.76 -6.11
N ARG A 187 -9.89 33.70 6.80
CA ARG A 187 -10.50 32.88 5.76
C ARG A 187 -10.46 31.40 6.12
N LYS A 188 -9.32 30.76 5.88
CA LYS A 188 -9.15 29.34 6.19
C LYS A 188 -7.68 29.00 6.44
N SER A 189 -7.44 28.01 7.29
CA SER A 189 -6.08 27.57 7.60
C SER A 189 -5.71 26.32 6.81
N TYR A 190 -4.41 26.16 6.54
CA TYR A 190 -3.94 25.05 5.72
C TYR A 190 -2.74 24.33 6.33
N SER A 191 -2.54 24.50 7.62
CA SER A 191 -1.49 23.77 8.34
C SER A 191 -1.81 22.29 8.34
N LEU A 192 -0.79 21.45 8.44
CA LEU A 192 -0.99 20.00 8.48
C LEU A 192 -1.92 19.60 9.61
N ALA A 193 -1.65 20.14 10.81
CA ALA A 193 -2.49 19.88 11.97
C ALA A 193 -3.89 20.44 11.77
N SER A 194 -3.97 21.54 11.04
CA SER A 194 -5.23 22.22 10.81
C SER A 194 -6.08 21.49 9.78
N LEU A 195 -5.44 21.01 8.71
CA LEU A 195 -6.12 20.26 7.67
C LEU A 195 -6.69 18.96 8.21
N PHE A 196 -5.92 18.30 9.06
CA PHE A 196 -6.34 17.02 9.61
C PHE A 196 -7.51 17.20 10.56
N HIS A 197 -7.50 18.30 11.31
CA HIS A 197 -8.56 18.59 12.28
C HIS A 197 -9.88 18.91 11.59
N ARG A 198 -9.82 19.31 10.33
CA ARG A 198 -11.02 19.65 9.57
C ARG A 198 -11.56 18.45 8.82
N TYR A 199 -10.67 17.67 8.24
CA TYR A 199 -11.07 16.48 7.48
C TYR A 199 -11.43 15.34 8.42
N PHE A 200 -10.65 15.18 9.47
CA PHE A 200 -10.93 14.21 10.52
C PHE A 200 -11.22 14.94 11.82
N GLN A 201 -12.41 14.71 12.38
CA GLN A 201 -12.89 15.47 13.53
C GLN A 201 -11.98 15.39 14.76
N ALA A 202 -11.13 14.37 14.81
CA ALA A 202 -10.21 14.21 15.93
C ALA A 202 -8.89 14.94 15.68
N GLU A 203 -7.97 14.84 16.63
CA GLU A 203 -6.65 15.46 16.50
C GLU A 203 -5.57 14.38 16.36
N PRO A 204 -4.55 14.66 15.53
CA PRO A 204 -3.53 13.66 15.17
C PRO A 204 -2.69 13.19 16.36
N SER A 205 -1.94 12.11 16.16
CA SER A 205 -1.08 11.56 17.21
C SER A 205 0.25 12.33 17.27
N ALA A 206 1.05 12.03 18.29
CA ALA A 206 2.33 12.69 18.47
C ALA A 206 3.35 12.23 17.43
N SER A 209 7.11 12.84 16.14
CA SER A 209 8.00 12.05 15.29
C SER A 209 7.77 12.36 13.81
N ALA A 210 8.79 12.14 13.00
CA ALA A 210 8.66 12.31 11.55
C ALA A 210 7.64 11.31 11.01
N GLU A 211 7.67 10.11 11.56
CA GLU A 211 6.80 9.02 11.11
C GLU A 211 5.33 9.35 11.37
N GLY A 212 5.07 10.08 12.45
CA GLY A 212 3.73 10.50 12.79
C GLY A 212 3.15 11.48 11.79
N ASP A 213 3.98 12.44 11.36
CA ASP A 213 3.55 13.46 10.42
C ASP A 213 3.28 12.88 9.02
N VAL A 214 4.04 11.86 8.65
CA VAL A 214 3.82 11.17 7.38
C VAL A 214 2.47 10.47 7.41
N HIS A 215 2.16 9.87 8.56
CA HIS A 215 0.90 9.18 8.78
C HIS A 215 -0.29 10.11 8.54
N THR A 216 -0.31 11.24 9.23
CA THR A 216 -1.39 12.21 9.08
C THR A 216 -1.50 12.68 7.63
N LEU A 217 -0.35 12.99 7.04
CA LEU A 217 -0.30 13.45 5.66
C LEU A 217 -0.86 12.41 4.70
N LEU A 218 -0.51 11.15 4.94
CA LEU A 218 -1.03 10.06 4.13
C LEU A 218 -2.54 9.95 4.29
N LEU A 219 -3.02 10.21 5.50
CA LEU A 219 -4.46 10.18 5.76
C LEU A 219 -5.17 11.32 5.04
N ILE A 220 -4.60 12.52 5.15
CA ILE A 220 -5.15 13.70 4.47
C ILE A 220 -5.22 13.47 2.96
N PHE A 221 -4.19 12.82 2.41
CA PHE A 221 -4.16 12.49 1.00
C PHE A 221 -5.31 11.56 0.63
N LEU A 222 -5.45 10.47 1.38
CA LEU A 222 -6.48 9.47 1.12
C LEU A 222 -7.89 10.07 1.15
N HIS A 223 -8.08 11.08 1.99
CA HIS A 223 -9.38 11.69 2.16
C HIS A 223 -9.79 12.46 0.91
N ARG A 224 -8.80 12.88 0.13
CA ARG A 224 -9.06 13.57 -1.14
C ARG A 224 -8.22 12.95 -2.23
N ALA A 225 -8.07 11.62 -2.16
CA ALA A 225 -7.20 10.88 -3.07
C ALA A 225 -7.47 11.15 -4.56
N PRO A 226 -8.71 10.99 -5.04
CA PRO A 226 -8.89 11.16 -6.49
C PRO A 226 -8.59 12.59 -6.96
N GLU A 227 -8.80 13.58 -6.09
CA GLU A 227 -8.51 14.95 -6.44
C GLU A 227 -7.00 15.17 -6.50
N LEU A 228 -6.30 14.77 -5.45
CA LEU A 228 -4.86 14.97 -5.36
C LEU A 228 -4.10 14.14 -6.40
N LEU A 229 -4.61 12.94 -6.70
CA LEU A 229 -4.03 12.12 -7.75
C LEU A 229 -4.07 12.83 -9.09
N ALA A 230 -5.17 13.56 -9.33
CA ALA A 230 -5.33 14.33 -10.55
C ALA A 230 -4.35 15.51 -10.56
N TRP A 231 -4.30 16.23 -9.45
CA TRP A 231 -3.41 17.37 -9.31
C TRP A 231 -1.95 16.98 -9.56
N ALA A 232 -1.59 15.79 -9.08
CA ALA A 232 -0.22 15.29 -9.25
C ALA A 232 0.06 14.93 -10.69
N ASP A 233 -0.91 14.31 -11.37
CA ASP A 233 -0.72 13.90 -12.75
C ASP A 233 -0.51 15.10 -13.68
N GLU A 234 -0.97 16.25 -13.25
CA GLU A 234 -0.90 17.46 -14.06
C GLU A 234 0.29 18.35 -13.69
N GLN A 235 0.42 18.68 -12.41
CA GLN A 235 1.35 19.73 -11.99
C GLN A 235 2.52 19.24 -11.15
N ALA A 236 2.85 17.96 -11.25
CA ALA A 236 3.99 17.43 -10.51
C ALA A 236 5.29 17.95 -11.09
N ARG A 237 6.13 18.51 -10.22
CA ARG A 237 7.40 19.05 -10.66
C ARG A 237 8.48 17.97 -10.61
N SER A 238 9.28 17.90 -11.67
CA SER A 238 10.39 16.95 -11.76
C SER A 238 11.40 17.21 -10.66
N TRP A 239 11.87 16.14 -10.02
CA TRP A 239 12.81 16.27 -8.92
C TRP A 239 14.12 16.90 -9.36
N ALA A 240 14.47 16.72 -10.63
CA ALA A 240 15.69 17.28 -11.18
C ALA A 240 15.63 18.81 -11.24
N HIS A 241 14.43 19.35 -11.16
CA HIS A 241 14.24 20.80 -11.24
C HIS A 241 14.21 21.45 -9.86
N ILE A 242 14.30 20.64 -8.81
CA ILE A 242 14.34 21.18 -7.45
C ILE A 242 15.73 21.72 -7.16
N GLU A 243 15.79 22.98 -6.75
CA GLU A 243 17.07 23.64 -6.46
C GLU A 243 17.40 23.49 -4.97
N PRO A 244 18.70 23.38 -4.66
CA PRO A 244 19.14 23.28 -3.26
C PRO A 244 18.68 24.46 -2.42
N MET A 245 18.47 24.24 -1.14
CA MET A 245 18.08 25.33 -0.26
C MET A 245 19.30 26.17 0.11
N TYR A 246 20.45 25.52 0.23
CA TYR A 246 21.71 26.19 0.48
C TYR A 246 22.87 25.33 0.01
N VAL A 247 23.88 25.95 -0.58
CA VAL A 247 25.02 25.21 -1.10
C VAL A 247 26.04 24.93 -0.01
N PRO A 248 26.29 23.64 0.27
CA PRO A 248 27.26 23.22 1.29
C PRO A 248 28.70 23.48 0.87
N PRO B 24 31.84 -13.62 23.24
CA PRO B 24 30.77 -13.03 22.44
C PRO B 24 30.81 -11.50 22.40
N PRO B 25 30.51 -10.91 21.24
CA PRO B 25 30.54 -9.44 21.09
C PRO B 25 29.38 -8.75 21.79
N ARG B 26 29.70 -7.78 22.63
CA ARG B 26 28.68 -6.98 23.31
C ARG B 26 27.87 -6.18 22.30
N ALA B 27 26.60 -6.57 22.12
CA ALA B 27 25.73 -5.91 21.15
C ALA B 27 25.48 -4.46 21.51
N GLU B 28 25.70 -3.57 20.54
CA GLU B 28 25.51 -2.14 20.76
C GLU B 28 24.16 -1.68 20.21
N THR B 29 23.72 -2.33 19.14
CA THR B 29 22.41 -2.03 18.55
C THR B 29 21.61 -3.31 18.40
N PHE B 30 20.38 -3.28 18.91
CA PHE B 30 19.49 -4.44 18.81
C PHE B 30 18.46 -4.22 17.72
N VAL B 31 18.44 -5.12 16.74
CA VAL B 31 17.49 -5.04 15.65
C VAL B 31 16.37 -6.06 15.83
N PHE B 32 15.19 -5.56 16.16
CA PHE B 32 14.01 -6.41 16.35
C PHE B 32 13.34 -6.65 15.02
N LEU B 33 13.17 -7.92 14.65
CA LEU B 33 12.58 -8.22 13.35
C LEU B 33 11.49 -9.29 13.41
N ASP B 34 10.58 -9.22 12.44
CA ASP B 34 9.54 -10.22 12.27
C ASP B 34 9.25 -10.42 10.79
N LEU B 35 8.88 -11.64 10.43
CA LEU B 35 8.60 -11.96 9.04
C LEU B 35 7.16 -12.42 8.85
N GLU B 36 6.56 -12.01 7.75
CA GLU B 36 5.30 -12.61 7.31
C GLU B 36 5.63 -13.48 6.11
N ALA B 37 5.35 -14.77 6.21
CA ALA B 37 5.70 -15.68 5.13
C ALA B 37 4.47 -16.43 4.61
N THR B 38 4.70 -17.32 3.65
CA THR B 38 3.61 -17.99 2.94
C THR B 38 3.11 -19.24 3.68
N GLY B 39 3.73 -19.56 4.81
CA GLY B 39 3.29 -20.69 5.59
C GLY B 39 4.30 -21.17 6.60
N LEU B 40 4.06 -22.36 7.15
CA LEU B 40 4.93 -22.97 8.15
C LEU B 40 6.06 -23.74 7.47
N PRO B 41 7.18 -23.97 8.19
CA PRO B 41 8.41 -24.52 7.60
C PRO B 41 8.26 -25.79 6.76
N ASN B 42 7.17 -26.53 6.93
CA ASN B 42 7.02 -27.81 6.25
C ASN B 42 6.67 -27.68 4.77
N MET B 43 6.32 -26.47 4.33
CA MET B 43 5.96 -26.25 2.92
C MET B 43 6.95 -25.33 2.19
N ASP B 44 8.14 -25.16 2.77
CA ASP B 44 9.16 -24.27 2.21
C ASP B 44 8.62 -22.87 1.95
N PRO B 45 8.37 -22.10 3.03
CA PRO B 45 7.75 -20.79 2.89
C PRO B 45 8.70 -19.74 2.30
N GLU B 46 8.12 -18.64 1.83
CA GLU B 46 8.91 -17.52 1.31
C GLU B 46 8.50 -16.23 2.00
N ILE B 47 9.46 -15.34 2.24
CA ILE B 47 9.17 -14.08 2.90
C ILE B 47 8.26 -13.22 2.05
N ALA B 48 7.20 -12.70 2.67
CA ALA B 48 6.26 -11.81 1.98
C ALA B 48 6.32 -10.40 2.56
N GLU B 49 6.84 -10.29 3.78
CA GLU B 49 6.98 -8.99 4.43
C GLU B 49 8.04 -9.04 5.54
N ILE B 50 9.01 -8.14 5.46
CA ILE B 50 10.01 -7.98 6.52
C ILE B 50 9.79 -6.67 7.27
N SER B 51 10.13 -6.65 8.55
CA SER B 51 10.08 -5.43 9.32
C SER B 51 11.14 -5.42 10.42
N LEU B 52 11.94 -4.37 10.47
CA LEU B 52 12.97 -4.26 11.49
C LEU B 52 12.88 -2.94 12.25
N PHE B 53 12.88 -3.01 13.57
CA PHE B 53 13.03 -1.81 14.39
C PHE B 53 14.44 -1.82 14.98
N ALA B 54 15.22 -0.78 14.67
CA ALA B 54 16.58 -0.69 15.19
C ALA B 54 16.63 0.18 16.43
N VAL B 55 17.08 -0.40 17.54
CA VAL B 55 17.15 0.31 18.81
C VAL B 55 18.55 0.20 19.42
N HIS B 56 19.13 1.34 19.78
CA HIS B 56 20.45 1.34 20.40
C HIS B 56 20.36 0.79 21.82
N ARG B 57 21.46 0.26 22.32
CA ARG B 57 21.49 -0.37 23.63
C ARG B 57 21.11 0.59 24.75
N SER B 58 21.51 1.85 24.60
CA SER B 58 21.26 2.86 25.63
C SER B 58 19.77 3.16 25.81
N SER B 59 18.97 2.83 24.80
CA SER B 59 17.53 3.00 24.91
C SER B 59 16.90 1.84 25.68
N LEU B 60 17.46 0.64 25.48
CA LEU B 60 17.01 -0.53 26.21
C LEU B 60 17.36 -0.42 27.69
N GLU B 61 18.48 0.22 27.98
CA GLU B 61 18.95 0.37 29.36
C GLU B 61 18.13 1.40 30.12
N ASN B 62 17.44 2.27 29.39
CA ASN B 62 16.58 3.28 29.98
C ASN B 62 15.18 3.27 29.37
N PRO B 63 14.36 2.28 29.75
CA PRO B 63 13.00 2.12 29.19
C PRO B 63 12.12 3.32 29.46
N GLU B 64 11.72 4.01 28.40
CA GLU B 64 10.89 5.21 28.53
C GLU B 64 9.41 4.85 28.69
N ARG B 65 8.74 5.53 29.60
CA ARG B 65 7.31 5.30 29.84
C ARG B 65 6.49 6.57 29.63
N ASP B 66 5.20 6.37 29.38
CA ASP B 66 4.28 7.48 29.25
C ASP B 66 3.80 7.90 30.64
N ASP B 67 2.90 8.87 30.70
CA ASP B 67 2.36 9.32 31.98
C ASP B 67 1.15 8.46 32.39
N SER B 68 0.78 7.53 31.51
CA SER B 68 -0.36 6.64 31.75
C SER B 68 -0.27 5.74 33.01
N GLY B 69 0.85 5.05 33.27
CA GLY B 69 2.08 5.07 32.50
C GLY B 69 2.40 3.74 31.84
N SER B 70 2.37 3.73 30.51
CA SER B 70 2.68 2.53 29.75
C SER B 70 4.00 2.70 28.99
N LEU B 71 4.57 1.57 28.56
CA LEU B 71 5.82 1.60 27.82
C LEU B 71 5.68 2.30 26.48
N VAL B 72 6.50 3.32 26.25
CA VAL B 72 6.52 4.02 24.98
C VAL B 72 7.85 3.75 24.26
N LEU B 73 7.77 3.54 22.94
CA LEU B 73 8.95 3.23 22.14
C LEU B 73 10.01 4.32 22.23
N PRO B 74 11.29 3.95 22.03
CA PRO B 74 12.38 4.93 22.05
C PRO B 74 12.22 5.98 20.96
N ARG B 75 12.70 7.19 21.22
CA ARG B 75 12.64 8.27 20.24
C ARG B 75 13.56 7.97 19.06
N VAL B 76 14.85 7.83 19.33
CA VAL B 76 15.80 7.47 18.29
C VAL B 76 15.60 6.02 17.88
N LEU B 77 14.80 5.84 16.82
CA LEU B 77 14.46 4.50 16.34
C LEU B 77 14.51 4.45 14.83
N ASP B 78 15.02 3.36 14.29
CA ASP B 78 15.08 3.19 12.84
C ASP B 78 14.13 2.07 12.39
N LYS B 79 13.33 2.36 11.37
CA LYS B 79 12.37 1.41 10.85
C LYS B 79 12.65 1.01 9.41
N LEU B 80 12.35 -0.23 9.08
CA LEU B 80 12.43 -0.69 7.69
C LEU B 80 11.37 -1.76 7.45
N THR B 81 10.34 -1.40 6.68
CA THR B 81 9.31 -2.35 6.29
C THR B 81 9.31 -2.55 4.77
N LEU B 82 9.43 -3.80 4.34
CA LEU B 82 9.40 -4.11 2.92
C LEU B 82 8.43 -5.25 2.60
N CYS B 83 7.47 -4.99 1.73
CA CYS B 83 6.59 -6.03 1.22
C CYS B 83 7.18 -6.59 -0.08
N MET B 84 7.05 -7.89 -0.27
CA MET B 84 7.60 -8.53 -1.46
C MET B 84 6.74 -9.72 -1.88
N CYS B 85 6.60 -9.91 -3.17
CA CYS B 85 5.78 -11.00 -3.70
C CYS B 85 6.59 -12.29 -3.79
N PRO B 86 6.11 -13.35 -3.11
CA PRO B 86 6.75 -14.66 -3.14
C PRO B 86 6.54 -15.37 -4.47
N GLU B 87 7.46 -16.27 -4.82
CA GLU B 87 7.33 -17.07 -6.03
C GLU B 87 6.21 -18.10 -5.88
N ARG B 88 6.38 -19.01 -4.92
CA ARG B 88 5.36 -20.00 -4.61
C ARG B 88 4.23 -19.35 -3.81
N PRO B 89 3.00 -19.85 -3.99
CA PRO B 89 1.84 -19.18 -3.38
C PRO B 89 1.74 -19.36 -1.86
N PHE B 90 0.90 -18.54 -1.24
CA PHE B 90 0.59 -18.68 0.18
C PHE B 90 -0.26 -19.92 0.43
N THR B 91 -0.42 -20.28 1.70
CA THR B 91 -1.43 -21.26 2.06
C THR B 91 -2.70 -20.49 2.35
N ALA B 92 -3.77 -21.21 2.70
CA ALA B 92 -5.02 -20.57 3.02
C ALA B 92 -4.86 -19.70 4.28
N LYS B 93 -4.39 -20.33 5.36
CA LYS B 93 -4.28 -19.66 6.65
C LYS B 93 -3.24 -18.53 6.63
N ALA B 94 -2.12 -18.78 5.96
CA ALA B 94 -1.07 -17.77 5.84
C ALA B 94 -1.60 -16.48 5.21
N SER B 95 -2.24 -16.61 4.06
CA SER B 95 -2.81 -15.47 3.37
C SER B 95 -3.98 -14.85 4.14
N GLU B 96 -4.51 -15.60 5.11
CA GLU B 96 -5.67 -15.14 5.86
C GLU B 96 -5.24 -14.29 7.06
N ILE B 97 -4.18 -14.72 7.74
CA ILE B 97 -3.71 -14.00 8.92
C ILE B 97 -2.84 -12.80 8.56
N THR B 98 -2.03 -12.93 7.50
CA THR B 98 -1.16 -11.82 7.09
C THR B 98 -1.98 -10.71 6.45
N GLY B 99 -3.07 -11.06 5.79
CA GLY B 99 -3.87 -10.10 5.06
C GLY B 99 -3.24 -9.83 3.71
N LEU B 100 -2.29 -10.69 3.34
CA LEU B 100 -1.52 -10.53 2.11
C LEU B 100 -1.79 -11.67 1.14
N SER B 101 -1.77 -11.36 -0.14
CA SER B 101 -1.91 -12.37 -1.18
C SER B 101 -0.93 -12.09 -2.30
N SER B 102 -0.63 -13.09 -3.12
CA SER B 102 0.28 -12.91 -4.24
C SER B 102 -0.26 -11.87 -5.21
N GLU B 103 -1.57 -11.83 -5.36
CA GLU B 103 -2.21 -10.88 -6.26
C GLU B 103 -2.08 -9.45 -5.74
N SER B 104 -2.35 -9.26 -4.45
CA SER B 104 -2.29 -7.93 -3.85
C SER B 104 -0.87 -7.37 -3.87
N LEU B 105 0.12 -8.25 -3.75
CA LEU B 105 1.51 -7.81 -3.82
C LEU B 105 1.90 -7.46 -5.25
N MET B 106 1.47 -8.28 -6.20
CA MET B 106 1.73 -8.00 -7.61
C MET B 106 0.95 -6.79 -8.08
N HIS B 107 -0.23 -6.58 -7.50
CA HIS B 107 -1.05 -5.44 -7.84
C HIS B 107 -0.38 -4.14 -7.43
N CYS B 108 0.36 -4.19 -6.32
CA CYS B 108 1.05 -3.03 -5.81
C CYS B 108 2.48 -2.94 -6.36
N GLY B 109 2.77 -3.80 -7.35
CA GLY B 109 4.04 -3.77 -8.05
C GLY B 109 5.23 -4.10 -7.17
N LYS B 110 5.11 -5.16 -6.39
CA LYS B 110 6.19 -5.58 -5.51
C LYS B 110 6.87 -6.82 -6.08
N ALA B 111 8.18 -6.75 -6.28
CA ALA B 111 8.91 -7.89 -6.81
C ALA B 111 9.21 -8.90 -5.71
N GLY B 112 10.00 -9.92 -6.04
CA GLY B 112 10.39 -10.92 -5.07
C GLY B 112 11.62 -10.49 -4.27
N PHE B 113 12.12 -11.37 -3.42
CA PHE B 113 13.32 -11.13 -2.63
C PHE B 113 14.52 -10.95 -3.56
N ASN B 114 14.79 -9.71 -3.95
CA ASN B 114 15.86 -9.42 -4.91
C ASN B 114 17.01 -8.60 -4.31
N GLY B 115 17.90 -8.14 -5.17
CA GLY B 115 19.03 -7.33 -4.77
C GLY B 115 18.60 -5.99 -4.19
N ALA B 116 17.44 -5.50 -4.62
CA ALA B 116 16.91 -4.25 -4.07
C ALA B 116 16.67 -4.42 -2.57
N VAL B 117 16.17 -5.59 -2.17
CA VAL B 117 15.96 -5.88 -0.76
C VAL B 117 17.28 -5.92 -0.02
N VAL B 118 18.25 -6.65 -0.57
CA VAL B 118 19.55 -6.85 0.05
C VAL B 118 20.29 -5.53 0.24
N ARG B 119 20.33 -4.72 -0.81
CA ARG B 119 20.99 -3.43 -0.77
C ARG B 119 20.32 -2.50 0.23
N THR B 120 19.00 -2.61 0.35
CA THR B 120 18.26 -1.79 1.29
C THR B 120 18.47 -2.27 2.72
N LEU B 121 18.44 -3.59 2.90
CA LEU B 121 18.62 -4.19 4.22
C LEU B 121 20.03 -3.94 4.73
N GLN B 122 21.02 -4.20 3.89
CA GLN B 122 22.43 -4.00 4.27
C GLN B 122 22.74 -2.52 4.50
N GLY B 123 22.12 -1.66 3.69
CA GLY B 123 22.23 -0.23 3.89
C GLY B 123 21.66 0.16 5.24
N PHE B 124 20.53 -0.47 5.59
CA PHE B 124 19.86 -0.22 6.86
C PHE B 124 20.71 -0.68 8.04
N LEU B 125 21.29 -1.87 7.93
CA LEU B 125 22.09 -2.44 8.99
C LEU B 125 23.39 -1.69 9.18
N SER B 126 23.99 -1.24 8.07
CA SER B 126 25.25 -0.49 8.13
C SER B 126 25.03 0.88 8.76
N ARG B 127 23.78 1.30 8.81
CA ARG B 127 23.42 2.58 9.42
C ARG B 127 23.34 2.45 10.94
N GLN B 128 23.59 1.24 11.45
CA GLN B 128 23.50 0.99 12.88
C GLN B 128 24.88 0.74 13.49
N GLU B 129 25.08 1.24 14.71
CA GLU B 129 26.34 1.04 15.40
C GLU B 129 26.49 -0.43 15.79
N GLY B 130 27.48 -1.09 15.18
CA GLY B 130 27.75 -2.48 15.49
C GLY B 130 28.31 -2.63 16.89
N PRO B 131 28.29 -3.86 17.42
CA PRO B 131 27.73 -5.07 16.80
C PRO B 131 26.21 -5.07 16.78
N ILE B 132 25.62 -5.79 15.83
CA ILE B 132 24.17 -5.87 15.69
C ILE B 132 23.62 -7.17 16.28
N CYS B 133 22.58 -7.06 17.11
CA CYS B 133 21.91 -8.24 17.64
C CYS B 133 20.50 -8.37 17.10
N LEU B 134 20.29 -9.35 16.23
CA LEU B 134 18.96 -9.62 15.68
C LEU B 134 18.04 -10.20 16.74
N VAL B 135 16.82 -9.68 16.82
CA VAL B 135 15.84 -10.18 17.79
C VAL B 135 14.53 -10.54 17.13
N ALA B 136 14.11 -11.80 17.30
CA ALA B 136 12.84 -12.27 16.74
C ALA B 136 12.26 -13.38 17.63
N HIS B 137 10.96 -13.30 17.88
CA HIS B 137 10.29 -14.28 18.74
C HIS B 137 10.23 -15.64 18.06
N ASN B 138 10.75 -16.66 18.75
CA ASN B 138 10.91 -18.00 18.19
C ASN B 138 11.79 -17.96 16.94
N GLY B 139 12.73 -17.02 16.92
CA GLY B 139 13.58 -16.80 15.76
C GLY B 139 14.45 -17.98 15.38
N PHE B 140 14.90 -18.74 16.36
CA PHE B 140 15.76 -19.89 16.11
C PHE B 140 15.05 -20.99 15.33
N ASP B 141 13.72 -21.02 15.44
CA ASP B 141 12.92 -22.07 14.82
C ASP B 141 12.13 -21.59 13.61
N TYR B 142 12.22 -20.30 13.30
CA TYR B 142 11.47 -19.77 12.16
C TYR B 142 12.14 -18.61 11.44
N ASP B 143 12.11 -17.43 12.07
CA ASP B 143 12.53 -16.19 11.40
C ASP B 143 13.98 -16.22 10.93
N PHE B 144 14.90 -16.56 11.82
CA PHE B 144 16.32 -16.55 11.49
C PHE B 144 16.72 -17.52 10.36
N PRO B 145 16.26 -18.80 10.45
CA PRO B 145 16.66 -19.68 9.34
C PRO B 145 16.01 -19.29 8.02
N LEU B 146 14.77 -18.81 8.07
CA LEU B 146 14.07 -18.38 6.86
C LEU B 146 14.80 -17.21 6.22
N LEU B 147 15.25 -16.27 7.05
CA LEU B 147 16.01 -15.12 6.55
C LEU B 147 17.33 -15.56 5.95
N CYS B 148 17.96 -16.55 6.58
CA CYS B 148 19.24 -17.07 6.10
C CYS B 148 19.07 -17.74 4.73
N THR B 149 17.93 -18.42 4.55
CA THR B 149 17.62 -19.07 3.28
C THR B 149 17.46 -18.05 2.16
N GLU B 150 16.69 -17.01 2.43
CA GLU B 150 16.44 -15.96 1.45
C GLU B 150 17.71 -15.22 1.09
N LEU B 151 18.58 -15.01 2.08
CA LEU B 151 19.84 -14.33 1.83
C LEU B 151 20.81 -15.20 1.05
N GLN B 152 20.78 -16.51 1.33
CA GLN B 152 21.74 -17.44 0.73
C GLN B 152 21.56 -17.55 -0.78
N ARG B 153 20.32 -17.52 -1.24
CA ARG B 153 20.03 -17.63 -2.67
C ARG B 153 20.67 -16.50 -3.46
N LEU B 154 20.73 -15.31 -2.87
CA LEU B 154 21.30 -14.15 -3.54
C LEU B 154 22.78 -14.00 -3.20
N GLY B 155 23.31 -14.98 -2.48
CA GLY B 155 24.71 -14.94 -2.06
C GLY B 155 25.01 -13.78 -1.13
N ALA B 156 23.95 -13.26 -0.51
CA ALA B 156 24.09 -12.14 0.41
C ALA B 156 24.35 -12.65 1.81
N HIS B 157 24.88 -11.77 2.66
CA HIS B 157 25.13 -12.12 4.05
C HIS B 157 25.23 -10.88 4.93
N LEU B 158 24.83 -11.05 6.19
CA LEU B 158 24.89 -9.98 7.16
C LEU B 158 26.32 -9.80 7.63
N PRO B 159 26.68 -8.57 8.05
CA PRO B 159 28.04 -8.32 8.56
C PRO B 159 28.39 -9.24 9.71
N GLN B 160 29.67 -9.55 9.89
CA GLN B 160 30.09 -10.43 10.97
C GLN B 160 30.04 -9.71 12.31
N ASP B 161 30.37 -10.44 13.38
CA ASP B 161 30.22 -9.97 14.74
C ASP B 161 28.77 -9.61 15.06
N THR B 162 27.84 -10.16 14.29
CA THR B 162 26.42 -9.96 14.56
C THR B 162 25.80 -11.23 15.13
N VAL B 163 25.03 -11.08 16.18
CA VAL B 163 24.49 -12.21 16.92
C VAL B 163 22.96 -12.27 16.82
N CYS B 164 22.40 -13.41 17.21
CA CYS B 164 20.95 -13.59 17.19
C CYS B 164 20.41 -13.84 18.60
N LEU B 165 19.30 -13.21 18.91
CA LEU B 165 18.64 -13.40 20.20
C LEU B 165 17.19 -13.85 20.02
N ASP B 166 16.88 -15.02 20.55
CA ASP B 166 15.51 -15.51 20.56
C ASP B 166 14.88 -15.25 21.91
N THR B 167 13.77 -14.52 21.92
CA THR B 167 13.12 -14.13 23.17
C THR B 167 12.30 -15.26 23.77
N LEU B 168 12.01 -16.30 22.98
CA LEU B 168 11.19 -17.40 23.46
C LEU B 168 11.93 -18.26 24.49
N PRO B 169 13.11 -18.80 24.15
CA PRO B 169 13.77 -19.58 25.21
C PRO B 169 14.34 -18.68 26.30
N ALA B 170 14.66 -17.44 25.93
CA ALA B 170 15.19 -16.47 26.88
C ALA B 170 14.23 -16.24 28.03
N LEU B 171 12.99 -15.89 27.72
CA LEU B 171 11.99 -15.63 28.75
C LEU B 171 11.65 -16.89 29.53
N ARG B 172 11.75 -18.04 28.87
CA ARG B 172 11.55 -19.32 29.55
C ARG B 172 12.71 -19.58 30.50
N GLY B 173 13.93 -19.32 30.01
CA GLY B 173 15.12 -19.51 30.81
C GLY B 173 15.18 -18.58 32.01
N LEU B 174 14.71 -17.36 31.85
CA LEU B 174 14.72 -16.38 32.92
C LEU B 174 13.69 -16.69 33.99
N ASP B 175 12.62 -17.39 33.59
CA ASP B 175 11.57 -17.74 34.53
C ASP B 175 11.93 -18.97 35.35
N ARG B 176 13.03 -19.62 34.98
CA ARG B 176 13.51 -20.79 35.72
C ARG B 176 14.15 -20.36 37.03
N ALA B 177 14.49 -19.07 37.13
CA ALA B 177 15.06 -18.51 38.35
C ALA B 177 14.10 -18.63 39.53
N HIS B 178 12.80 -18.70 39.23
CA HIS B 178 11.79 -18.91 40.25
C HIS B 178 10.67 -19.80 39.75
N LYS B 188 2.64 -22.17 31.76
CA LYS B 188 1.97 -21.08 31.05
C LYS B 188 2.50 -20.95 29.62
N SER B 189 1.78 -20.19 28.79
CA SER B 189 2.17 -19.99 27.41
C SER B 189 3.26 -18.93 27.27
N TYR B 190 4.02 -19.00 26.19
CA TYR B 190 5.07 -18.03 25.91
C TYR B 190 4.98 -17.52 24.48
N SER B 191 3.79 -17.57 23.91
CA SER B 191 3.55 -16.99 22.59
C SER B 191 3.62 -15.47 22.69
N LEU B 192 3.79 -14.82 21.55
CA LEU B 192 3.86 -13.36 21.51
C LEU B 192 2.59 -12.74 22.08
N ALA B 193 1.45 -13.35 21.79
CA ALA B 193 0.16 -12.84 22.24
C ALA B 193 -0.05 -13.04 23.74
N SER B 194 0.29 -14.22 24.24
CA SER B 194 0.12 -14.53 25.66
C SER B 194 1.03 -13.68 26.52
N LEU B 195 2.27 -13.49 26.06
CA LEU B 195 3.25 -12.69 26.76
C LEU B 195 2.82 -11.23 26.90
N PHE B 196 2.13 -10.73 25.89
CA PHE B 196 1.67 -9.34 25.93
C PHE B 196 0.49 -9.17 26.86
N HIS B 197 -0.41 -10.16 26.88
CA HIS B 197 -1.57 -10.13 27.75
C HIS B 197 -1.17 -10.33 29.21
N ARG B 198 -0.02 -10.97 29.41
CA ARG B 198 0.46 -11.26 30.75
C ARG B 198 1.31 -10.11 31.30
N TYR B 199 2.00 -9.41 30.41
CA TYR B 199 2.90 -8.34 30.84
C TYR B 199 2.21 -6.99 30.89
N PHE B 200 1.15 -6.81 30.11
CA PHE B 200 0.51 -5.51 30.02
C PHE B 200 -0.99 -5.53 30.31
N GLN B 201 -1.55 -6.74 30.39
CA GLN B 201 -2.99 -6.92 30.61
C GLN B 201 -3.81 -6.13 29.59
N ALA B 202 -3.38 -6.17 28.34
CA ALA B 202 -4.06 -5.43 27.27
C ALA B 202 -3.99 -6.21 25.97
N GLU B 203 -4.46 -5.58 24.89
CA GLU B 203 -4.54 -6.23 23.59
C GLU B 203 -3.73 -5.48 22.54
N PRO B 204 -2.89 -6.20 21.79
CA PRO B 204 -2.11 -5.64 20.67
C PRO B 204 -3.01 -5.04 19.59
N SER B 205 -2.56 -3.97 18.94
CA SER B 205 -3.37 -3.30 17.93
C SER B 205 -3.48 -4.12 16.65
N ALA B 206 -2.34 -4.38 16.01
CA ALA B 206 -2.32 -5.14 14.77
C ALA B 206 -1.92 -6.58 15.02
N ALA B 207 -2.57 -7.51 14.32
CA ALA B 207 -2.25 -8.93 14.44
C ALA B 207 -1.65 -9.45 13.13
N HIS B 208 -0.55 -10.18 13.24
CA HIS B 208 0.15 -10.74 12.09
C HIS B 208 0.52 -9.70 11.04
N SER B 209 0.72 -8.47 11.49
CA SER B 209 1.30 -7.42 10.64
C SER B 209 2.74 -7.23 11.08
N ALA B 210 3.67 -7.39 10.14
CA ALA B 210 5.10 -7.44 10.46
C ALA B 210 5.55 -6.28 11.36
N GLU B 211 5.15 -5.08 11.00
CA GLU B 211 5.50 -3.91 11.78
C GLU B 211 4.85 -3.93 13.15
N GLY B 212 3.61 -4.41 13.20
CA GLY B 212 2.88 -4.49 14.46
C GLY B 212 3.47 -5.48 15.44
N ASP B 213 3.89 -6.65 14.95
CA ASP B 213 4.43 -7.69 15.81
C ASP B 213 5.82 -7.32 16.36
N VAL B 214 6.61 -6.63 15.56
CA VAL B 214 7.90 -6.12 16.03
C VAL B 214 7.67 -5.11 17.14
N HIS B 215 6.67 -4.26 16.94
CA HIS B 215 6.25 -3.29 17.94
C HIS B 215 5.83 -4.01 19.22
N THR B 216 5.19 -5.16 19.06
CA THR B 216 4.75 -5.96 20.19
C THR B 216 5.96 -6.58 20.90
N LEU B 217 6.87 -7.14 20.12
CA LEU B 217 8.06 -7.78 20.66
C LEU B 217 8.96 -6.79 21.41
N LEU B 218 9.09 -5.59 20.85
CA LEU B 218 9.94 -4.56 21.46
C LEU B 218 9.40 -4.09 22.81
N LEU B 219 8.08 -3.99 22.91
CA LEU B 219 7.44 -3.61 24.16
C LEU B 219 7.64 -4.70 25.21
N ILE B 220 7.63 -5.95 24.76
CA ILE B 220 7.84 -7.08 25.66
C ILE B 220 9.29 -7.09 26.14
N PHE B 221 10.21 -6.78 25.23
CA PHE B 221 11.63 -6.73 25.56
C PHE B 221 11.90 -5.67 26.64
N LEU B 222 11.31 -4.49 26.46
CA LEU B 222 11.53 -3.38 27.37
C LEU B 222 11.04 -3.69 28.78
N HIS B 223 10.02 -4.53 28.86
CA HIS B 223 9.46 -4.92 30.16
C HIS B 223 10.44 -5.82 30.91
N ARG B 224 11.28 -6.53 30.15
CA ARG B 224 12.30 -7.39 30.72
C ARG B 224 13.69 -6.92 30.28
N ALA B 225 13.83 -5.61 30.08
CA ALA B 225 15.03 -5.04 29.48
C ALA B 225 16.35 -5.38 30.20
N PRO B 226 16.43 -5.15 31.52
CA PRO B 226 17.73 -5.46 32.14
C PRO B 226 18.06 -6.94 32.10
N GLU B 227 17.06 -7.79 32.24
CA GLU B 227 17.26 -9.24 32.21
C GLU B 227 17.65 -9.74 30.83
N LEU B 228 16.91 -9.32 29.81
CA LEU B 228 17.14 -9.79 28.45
C LEU B 228 18.43 -9.27 27.85
N LEU B 229 18.84 -8.07 28.27
CA LEU B 229 20.11 -7.51 27.82
C LEU B 229 21.25 -8.40 28.27
N ALA B 230 21.15 -8.90 29.49
CA ALA B 230 22.16 -9.80 30.05
C ALA B 230 22.17 -11.12 29.30
N TRP B 231 20.98 -11.65 29.02
CA TRP B 231 20.85 -12.92 28.31
C TRP B 231 21.42 -12.80 26.90
N ALA B 232 21.33 -11.60 26.33
CA ALA B 232 21.84 -11.35 24.99
C ALA B 232 23.37 -11.20 25.01
N ASP B 233 23.90 -10.72 26.13
CA ASP B 233 25.34 -10.56 26.25
C ASP B 233 26.01 -11.90 26.57
N GLU B 234 25.38 -12.66 27.46
CA GLU B 234 25.93 -13.91 27.93
C GLU B 234 25.79 -15.04 26.91
N GLN B 235 24.66 -15.08 26.22
CA GLN B 235 24.39 -16.20 25.32
C GLN B 235 23.49 -15.85 24.14
N ALA B 236 24.06 -15.18 23.14
CA ALA B 236 23.37 -14.94 21.88
C ALA B 236 24.14 -15.59 20.75
N ARG B 237 23.47 -16.47 20.00
CA ARG B 237 24.14 -17.23 18.96
C ARG B 237 24.60 -16.35 17.80
N SER B 238 25.74 -16.69 17.21
CA SER B 238 26.29 -15.94 16.09
C SER B 238 25.48 -16.19 14.83
N TRP B 239 25.24 -15.14 14.05
CA TRP B 239 24.46 -15.26 12.82
C TRP B 239 25.15 -16.19 11.81
N ALA B 240 26.48 -16.22 11.85
CA ALA B 240 27.23 -17.08 10.96
C ALA B 240 26.95 -18.55 11.24
N HIS B 241 26.50 -18.82 12.46
CA HIS B 241 26.21 -20.18 12.87
C HIS B 241 24.72 -20.51 12.72
N ILE B 242 24.04 -19.75 11.87
CA ILE B 242 22.63 -19.98 11.61
C ILE B 242 22.42 -20.85 10.39
N GLU B 243 21.82 -22.01 10.58
CA GLU B 243 21.58 -22.95 9.49
C GLU B 243 20.31 -22.58 8.74
N PRO B 244 20.40 -22.53 7.40
CA PRO B 244 19.28 -22.18 6.52
C PRO B 244 18.11 -23.14 6.63
N MET B 245 16.90 -22.63 6.48
CA MET B 245 15.70 -23.46 6.54
C MET B 245 15.70 -24.54 5.47
N TYR B 246 16.01 -24.15 4.24
CA TYR B 246 16.11 -25.07 3.12
C TYR B 246 17.01 -24.48 2.05
N VAL B 247 17.38 -25.29 1.05
CA VAL B 247 18.22 -24.81 -0.04
C VAL B 247 17.57 -25.09 -1.39
N PRO B 248 17.15 -24.02 -2.09
CA PRO B 248 16.51 -24.14 -3.39
C PRO B 248 17.51 -24.12 -4.55
N ARG C 26 35.26 18.37 -63.58
CA ARG C 26 36.55 18.02 -62.99
C ARG C 26 36.37 17.45 -61.59
N ALA C 27 35.60 18.15 -60.77
CA ALA C 27 35.32 17.70 -59.42
C ALA C 27 34.32 16.54 -59.43
N GLU C 28 34.55 15.56 -58.56
CA GLU C 28 33.69 14.39 -58.49
C GLU C 28 32.65 14.49 -57.39
N THR C 29 33.02 15.13 -56.28
CA THR C 29 32.10 15.31 -55.16
C THR C 29 31.96 16.78 -54.77
N PHE C 30 30.71 17.25 -54.72
CA PHE C 30 30.43 18.62 -54.31
C PHE C 30 29.90 18.68 -52.88
N VAL C 31 30.73 19.15 -51.97
CA VAL C 31 30.36 19.24 -50.57
C VAL C 31 29.76 20.60 -50.23
N PHE C 32 28.45 20.63 -50.02
CA PHE C 32 27.75 21.87 -49.70
C PHE C 32 27.86 22.16 -48.22
N LEU C 33 28.30 23.36 -47.87
CA LEU C 33 28.52 23.69 -46.47
C LEU C 33 27.99 25.06 -46.09
N ASP C 34 27.82 25.26 -44.79
CA ASP C 34 27.39 26.54 -44.24
C ASP C 34 27.91 26.67 -42.80
N LEU C 35 28.22 27.91 -42.41
CA LEU C 35 28.75 28.17 -41.08
C LEU C 35 27.85 29.09 -40.28
N GLU C 36 27.55 28.69 -39.06
CA GLU C 36 26.94 29.62 -38.11
C GLU C 36 28.06 30.18 -37.24
N ALA C 37 28.12 31.50 -37.14
CA ALA C 37 29.24 32.14 -36.44
C ALA C 37 28.78 33.20 -35.45
N THR C 38 29.74 33.83 -34.79
CA THR C 38 29.45 34.76 -33.70
C THR C 38 29.22 36.18 -34.17
N GLY C 39 29.35 36.42 -35.47
CA GLY C 39 29.07 37.74 -36.02
C GLY C 39 29.67 37.99 -37.38
N LEU C 40 29.65 39.26 -37.79
CA LEU C 40 30.17 39.69 -39.08
C LEU C 40 31.68 39.92 -38.99
N PRO C 41 32.39 39.79 -40.14
CA PRO C 41 33.86 39.83 -40.19
C PRO C 41 34.52 41.04 -39.51
N ASN C 42 33.79 42.14 -39.32
CA ASN C 42 34.33 43.31 -38.63
C ASN C 42 34.89 42.95 -37.26
N MET C 43 34.00 42.57 -36.35
CA MET C 43 34.43 41.88 -35.14
C MET C 43 34.97 40.53 -35.58
N ASP C 44 35.89 39.96 -34.82
CA ASP C 44 36.50 38.70 -35.23
C ASP C 44 35.60 37.51 -34.89
N PRO C 45 35.07 36.84 -35.93
CA PRO C 45 34.05 35.79 -35.75
C PRO C 45 34.61 34.38 -35.66
N GLU C 46 33.90 33.50 -34.96
CA GLU C 46 34.28 32.10 -34.84
C GLU C 46 33.13 31.18 -35.24
N ILE C 47 33.48 30.04 -35.83
CA ILE C 47 32.47 29.07 -36.24
C ILE C 47 31.77 28.43 -35.05
N ALA C 48 30.47 28.68 -34.92
CA ALA C 48 29.66 28.12 -33.84
C ALA C 48 29.00 26.80 -34.26
N GLU C 49 28.80 26.63 -35.56
CA GLU C 49 28.15 25.43 -36.09
C GLU C 49 28.51 25.23 -37.56
N ILE C 50 29.04 24.05 -37.89
CA ILE C 50 29.36 23.74 -39.28
C ILE C 50 28.52 22.56 -39.77
N SER C 51 27.93 22.70 -40.94
CA SER C 51 27.17 21.63 -41.56
C SER C 51 27.68 21.38 -42.96
N LEU C 52 27.74 20.11 -43.37
CA LEU C 52 28.24 19.75 -44.70
C LEU C 52 27.35 18.69 -45.34
N PHE C 53 26.94 18.93 -46.59
CA PHE C 53 26.23 17.92 -47.37
C PHE C 53 27.12 17.43 -48.49
N ALA C 54 27.48 16.15 -48.45
CA ALA C 54 28.34 15.59 -49.49
C ALA C 54 27.53 14.90 -50.58
N VAL C 55 27.47 15.53 -51.74
CA VAL C 55 26.73 14.99 -52.88
C VAL C 55 27.67 14.67 -54.03
N HIS C 56 27.51 13.48 -54.62
CA HIS C 56 28.32 13.09 -55.76
C HIS C 56 27.86 13.82 -57.02
N ARG C 57 28.79 13.96 -57.97
CA ARG C 57 28.53 14.66 -59.23
C ARG C 57 27.34 14.09 -60.00
N SER C 58 27.24 12.76 -60.03
CA SER C 58 26.19 12.08 -60.78
C SER C 58 24.80 12.43 -60.26
N SER C 59 24.67 12.57 -58.95
CA SER C 59 23.39 12.93 -58.35
C SER C 59 23.00 14.36 -58.69
N LEU C 60 23.99 15.14 -59.13
CA LEU C 60 23.76 16.53 -59.52
C LEU C 60 23.44 16.61 -61.01
N GLU C 61 24.09 15.75 -61.79
CA GLU C 61 23.89 15.72 -63.24
C GLU C 61 22.46 15.32 -63.58
N ASN C 62 21.94 14.32 -62.86
CA ASN C 62 20.56 13.90 -63.05
C ASN C 62 19.81 13.91 -61.71
N PRO C 63 19.18 15.04 -61.38
CA PRO C 63 18.43 15.24 -60.13
C PRO C 63 17.43 14.12 -59.86
N GLU C 64 17.21 13.83 -58.58
CA GLU C 64 16.33 12.74 -58.19
C GLU C 64 14.88 13.04 -58.56
N ARG C 65 14.30 12.15 -59.36
CA ARG C 65 12.92 12.27 -59.81
C ARG C 65 11.93 11.88 -58.71
N ASP C 66 11.00 12.78 -58.41
CA ASP C 66 9.93 12.50 -57.45
C ASP C 66 8.61 12.24 -58.18
N ASP C 67 7.73 11.45 -57.55
CA ASP C 67 6.46 11.07 -58.16
C ASP C 67 5.47 12.24 -58.21
N SER C 68 5.65 13.23 -57.35
CA SER C 68 4.76 14.39 -57.33
C SER C 68 5.33 15.57 -58.11
N GLY C 69 6.47 15.36 -58.75
CA GLY C 69 7.10 16.40 -59.56
C GLY C 69 7.99 17.34 -58.77
N SER C 70 7.77 17.40 -57.45
CA SER C 70 8.55 18.28 -56.59
C SER C 70 10.01 17.83 -56.51
N LEU C 71 10.89 18.76 -56.19
CA LEU C 71 12.32 18.46 -56.13
C LEU C 71 12.68 17.83 -54.78
N VAL C 72 13.55 16.84 -54.81
CA VAL C 72 13.97 16.14 -53.59
C VAL C 72 15.49 16.06 -53.49
N LEU C 73 15.97 15.62 -52.33
CA LEU C 73 17.40 15.49 -52.07
C LEU C 73 17.94 14.16 -52.58
N PRO C 74 19.22 14.14 -53.00
CA PRO C 74 19.87 12.90 -53.44
C PRO C 74 19.81 11.82 -52.37
N ARG C 75 19.69 10.57 -52.79
CA ARG C 75 19.59 9.47 -51.84
C ARG C 75 20.92 9.21 -51.16
N VAL C 76 21.97 9.01 -51.96
CA VAL C 76 23.31 8.82 -51.43
C VAL C 76 23.90 10.17 -51.03
N LEU C 77 23.72 10.53 -49.77
CA LEU C 77 24.13 11.84 -49.28
C LEU C 77 24.76 11.75 -47.89
N ASP C 78 26.02 12.14 -47.79
CA ASP C 78 26.73 12.13 -46.52
C ASP C 78 26.59 13.47 -45.81
N LYS C 79 26.26 13.42 -44.53
CA LYS C 79 26.10 14.63 -43.74
C LYS C 79 27.11 14.71 -42.60
N LEU C 80 27.40 15.93 -42.17
CA LEU C 80 28.20 16.17 -40.97
C LEU C 80 27.82 17.51 -40.36
N THR C 81 27.32 17.48 -39.13
CA THR C 81 26.99 18.70 -38.41
C THR C 81 27.61 18.68 -37.02
N LEU C 82 28.56 19.58 -36.80
CA LEU C 82 29.22 19.68 -35.50
C LEU C 82 28.99 21.05 -34.88
N CYS C 83 28.55 21.07 -33.63
CA CYS C 83 28.47 22.31 -32.87
C CYS C 83 29.75 22.53 -32.10
N MET C 84 30.08 23.79 -31.83
CA MET C 84 31.31 24.15 -31.13
C MET C 84 31.09 25.33 -30.22
N CYS C 85 32.03 25.56 -29.31
CA CYS C 85 31.98 26.74 -28.47
C CYS C 85 33.08 27.72 -28.85
N PRO C 86 32.70 28.97 -29.18
CA PRO C 86 33.67 29.99 -29.51
C PRO C 86 34.36 30.55 -28.27
N GLU C 87 35.59 30.99 -28.40
CA GLU C 87 36.32 31.57 -27.29
C GLU C 87 35.86 33.01 -27.04
N ARG C 88 35.53 33.70 -28.12
CA ARG C 88 35.03 35.07 -28.04
C ARG C 88 33.51 35.07 -28.15
N PRO C 89 32.83 35.90 -27.33
CA PRO C 89 31.37 35.89 -27.19
C PRO C 89 30.61 36.25 -28.46
N PHE C 90 29.38 35.73 -28.58
CA PHE C 90 28.47 36.09 -29.65
C PHE C 90 28.10 37.56 -29.57
N THR C 91 27.75 38.16 -30.70
CA THR C 91 27.17 39.49 -30.68
C THR C 91 25.67 39.35 -30.50
N ALA C 92 25.00 40.44 -30.14
CA ALA C 92 23.56 40.40 -29.90
C ALA C 92 22.78 39.99 -31.13
N LYS C 93 23.26 40.40 -32.30
CA LYS C 93 22.60 40.10 -33.56
C LYS C 93 22.75 38.62 -33.94
N ALA C 94 23.90 38.04 -33.60
CA ALA C 94 24.20 36.66 -34.00
C ALA C 94 23.39 35.64 -33.20
N SER C 95 23.26 35.87 -31.89
CA SER C 95 22.53 34.94 -31.03
C SER C 95 21.06 34.83 -31.42
N GLU C 96 20.50 35.91 -31.94
CA GLU C 96 19.11 35.92 -32.38
C GLU C 96 18.88 34.95 -33.53
N ILE C 97 19.67 35.10 -34.60
CA ILE C 97 19.42 34.37 -35.83
C ILE C 97 19.97 32.94 -35.82
N THR C 98 20.92 32.69 -34.91
CA THR C 98 21.50 31.36 -34.79
C THR C 98 20.79 30.52 -33.74
N GLY C 99 20.27 31.20 -32.72
CA GLY C 99 19.67 30.52 -31.59
C GLY C 99 20.73 29.82 -30.75
N LEU C 100 21.98 30.20 -30.94
CA LEU C 100 23.09 29.61 -30.21
C LEU C 100 23.66 30.58 -29.19
N SER C 101 24.04 30.05 -28.04
CA SER C 101 24.61 30.86 -26.97
C SER C 101 25.92 30.23 -26.51
N SER C 102 26.86 31.06 -26.09
CA SER C 102 28.12 30.57 -25.55
C SER C 102 27.85 29.76 -24.29
N GLU C 103 26.85 30.17 -23.53
CA GLU C 103 26.42 29.45 -22.34
C GLU C 103 25.80 28.10 -22.74
N SER C 104 24.94 28.13 -23.75
CA SER C 104 24.24 26.94 -24.24
C SER C 104 25.19 25.88 -24.79
N LEU C 105 26.27 26.33 -25.43
CA LEU C 105 27.22 25.41 -26.04
C LEU C 105 28.11 24.76 -24.99
N MET C 106 28.44 25.51 -23.94
CA MET C 106 29.21 24.95 -22.84
C MET C 106 28.34 23.97 -22.05
N HIS C 107 27.05 24.26 -21.99
CA HIS C 107 26.12 23.47 -21.22
C HIS C 107 25.92 22.08 -21.81
N CYS C 108 26.09 21.98 -23.13
CA CYS C 108 25.93 20.70 -23.82
C CYS C 108 27.27 20.00 -24.03
N GLY C 109 28.30 20.50 -23.35
CA GLY C 109 29.62 19.88 -23.39
C GLY C 109 30.28 19.95 -24.75
N LYS C 110 30.15 21.09 -25.42
CA LYS C 110 30.77 21.25 -26.73
C LYS C 110 32.08 22.02 -26.63
N ALA C 111 33.17 21.38 -27.04
CA ALA C 111 34.48 22.05 -27.08
C ALA C 111 34.57 22.95 -28.30
N GLY C 112 35.58 23.80 -28.33
CA GLY C 112 35.77 24.72 -29.45
C GLY C 112 36.35 24.02 -30.66
N PHE C 113 36.77 24.81 -31.65
CA PHE C 113 37.35 24.26 -32.86
C PHE C 113 38.68 23.58 -32.54
N ASN C 114 38.63 22.29 -32.26
CA ASN C 114 39.82 21.54 -31.86
C ASN C 114 40.20 20.48 -32.88
N GLY C 115 41.19 19.66 -32.53
CA GLY C 115 41.67 18.61 -33.41
C GLY C 115 40.66 17.49 -33.57
N ALA C 116 39.67 17.46 -32.68
CA ALA C 116 38.56 16.52 -32.80
C ALA C 116 37.69 16.90 -33.98
N VAL C 117 37.43 18.19 -34.13
CA VAL C 117 36.69 18.70 -35.29
C VAL C 117 37.48 18.43 -36.56
N VAL C 118 38.79 18.65 -36.50
CA VAL C 118 39.67 18.50 -37.67
C VAL C 118 39.73 17.05 -38.16
N ARG C 119 39.87 16.10 -37.24
CA ARG C 119 39.93 14.70 -37.60
C ARG C 119 38.60 14.23 -38.21
N THR C 120 37.50 14.65 -37.59
CA THR C 120 36.17 14.31 -38.07
C THR C 120 35.92 14.91 -39.46
N LEU C 121 36.28 16.19 -39.61
CA LEU C 121 36.08 16.88 -40.88
C LEU C 121 36.89 16.25 -41.99
N GLN C 122 38.15 15.94 -41.71
CA GLN C 122 39.02 15.31 -42.70
C GLN C 122 38.58 13.88 -43.00
N GLY C 123 38.12 13.18 -41.98
CA GLY C 123 37.60 11.83 -42.14
C GLY C 123 36.35 11.85 -43.01
N PHE C 124 35.53 12.86 -42.81
CA PHE C 124 34.31 13.04 -43.60
C PHE C 124 34.64 13.25 -45.07
N LEU C 125 35.58 14.15 -45.34
CA LEU C 125 35.97 14.47 -46.70
C LEU C 125 36.71 13.32 -47.36
N SER C 126 37.41 12.52 -46.56
CA SER C 126 38.15 11.38 -47.08
C SER C 126 37.20 10.28 -47.57
N ARG C 127 36.00 10.23 -46.98
CA ARG C 127 34.99 9.27 -47.39
C ARG C 127 34.51 9.56 -48.82
N GLN C 128 34.70 10.80 -49.26
CA GLN C 128 34.36 11.21 -50.61
C GLN C 128 35.55 11.06 -51.54
N GLU C 129 35.31 10.61 -52.76
CA GLU C 129 36.38 10.46 -53.75
C GLU C 129 36.72 11.81 -54.37
N GLY C 130 37.98 12.01 -54.70
CA GLY C 130 38.44 13.28 -55.23
C GLY C 130 38.16 13.46 -56.71
N PRO C 131 38.18 14.72 -57.18
CA PRO C 131 38.41 15.92 -56.37
C PRO C 131 37.15 16.39 -55.65
N ILE C 132 37.33 17.20 -54.61
CA ILE C 132 36.21 17.75 -53.84
C ILE C 132 36.02 19.23 -54.12
N CYS C 133 34.78 19.63 -54.34
CA CYS C 133 34.46 21.04 -54.57
C CYS C 133 33.53 21.57 -53.49
N LEU C 134 34.03 22.48 -52.66
CA LEU C 134 33.20 23.08 -51.61
C LEU C 134 32.22 24.09 -52.21
N VAL C 135 31.02 24.15 -51.66
CA VAL C 135 30.04 25.13 -52.09
C VAL C 135 29.45 25.87 -50.90
N ALA C 136 29.48 27.20 -50.95
CA ALA C 136 28.88 28.03 -49.92
C ALA C 136 28.38 29.35 -50.52
N HIS C 137 27.15 29.73 -50.16
CA HIS C 137 26.57 30.97 -50.65
C HIS C 137 27.29 32.17 -50.04
N ASN C 138 27.82 33.03 -50.91
CA ASN C 138 28.67 34.15 -50.51
C ASN C 138 29.89 33.66 -49.74
N GLY C 139 30.40 32.49 -50.14
CA GLY C 139 31.53 31.87 -49.48
C GLY C 139 32.84 32.60 -49.60
N PHE C 140 33.09 33.20 -50.76
CA PHE C 140 34.34 33.91 -51.01
C PHE C 140 34.53 35.08 -50.04
N ASP C 141 33.42 35.69 -49.65
CA ASP C 141 33.45 36.86 -48.78
C ASP C 141 33.14 36.54 -47.33
N TYR C 142 33.00 35.25 -47.01
CA TYR C 142 32.70 34.85 -45.64
C TYR C 142 33.10 33.42 -45.29
N ASP C 143 32.30 32.44 -45.72
CA ASP C 143 32.47 31.06 -45.29
C ASP C 143 33.86 30.46 -45.53
N PHE C 144 34.40 30.65 -46.73
CA PHE C 144 35.70 30.05 -47.06
C PHE C 144 36.86 30.67 -46.27
N PRO C 145 36.93 32.01 -46.18
CA PRO C 145 38.01 32.55 -45.33
C PRO C 145 37.86 32.19 -43.85
N LEU C 146 36.62 32.09 -43.36
CA LEU C 146 36.41 31.75 -41.94
C LEU C 146 36.82 30.32 -41.65
N LEU C 147 36.43 29.39 -42.53
CA LEU C 147 36.84 28.00 -42.36
C LEU C 147 38.36 27.84 -42.46
N CYS C 148 38.96 28.55 -43.42
CA CYS C 148 40.41 28.48 -43.64
C CYS C 148 41.18 28.97 -42.41
N THR C 149 40.61 29.92 -41.70
CA THR C 149 41.24 30.47 -40.51
C THR C 149 41.25 29.47 -39.37
N GLU C 150 40.10 28.85 -39.13
CA GLU C 150 39.96 27.85 -38.08
C GLU C 150 40.80 26.62 -38.36
N LEU C 151 40.97 26.30 -39.64
CA LEU C 151 41.79 25.16 -40.05
C LEU C 151 43.27 25.47 -39.89
N GLN C 152 43.62 26.72 -40.13
CA GLN C 152 45.00 27.18 -40.06
C GLN C 152 45.45 27.30 -38.61
N ARG C 153 44.51 27.60 -37.73
CA ARG C 153 44.80 27.76 -36.31
C ARG C 153 45.23 26.43 -35.69
N LEU C 154 45.05 25.35 -36.42
CA LEU C 154 45.46 24.03 -35.96
C LEU C 154 46.33 23.32 -36.98
N GLY C 155 46.91 24.10 -37.90
CA GLY C 155 47.82 23.59 -38.90
C GLY C 155 47.29 22.44 -39.72
N ALA C 156 45.98 22.45 -39.98
CA ALA C 156 45.36 21.39 -40.78
C ALA C 156 45.00 21.91 -42.17
N HIS C 157 45.21 21.07 -43.18
CA HIS C 157 44.96 21.47 -44.57
C HIS C 157 44.03 20.48 -45.27
N LEU C 158 43.13 21.02 -46.09
CA LEU C 158 42.26 20.20 -46.93
C LEU C 158 43.11 19.51 -48.01
N PRO C 159 42.58 18.42 -48.60
CA PRO C 159 43.28 17.73 -49.69
C PRO C 159 43.79 18.68 -50.78
N GLN C 160 44.95 18.36 -51.34
CA GLN C 160 45.64 19.23 -52.30
C GLN C 160 44.80 19.57 -53.53
N ASP C 161 44.03 18.60 -54.01
CA ASP C 161 43.24 18.79 -55.23
C ASP C 161 41.80 19.19 -54.92
N THR C 162 41.63 20.07 -53.93
CA THR C 162 40.28 20.50 -53.53
C THR C 162 40.02 21.94 -53.94
N VAL C 163 38.95 22.14 -54.71
CA VAL C 163 38.53 23.47 -55.13
C VAL C 163 37.28 23.90 -54.39
N CYS C 164 36.73 25.05 -54.74
CA CYS C 164 35.51 25.53 -54.12
C CYS C 164 34.71 26.46 -55.04
N LEU C 165 33.41 26.54 -54.78
CA LEU C 165 32.49 27.30 -55.63
C LEU C 165 31.60 28.21 -54.78
N ASP C 166 31.43 29.45 -55.22
CA ASP C 166 30.51 30.38 -54.55
C ASP C 166 29.29 30.62 -55.44
N THR C 167 28.11 30.33 -54.92
CA THR C 167 26.88 30.43 -55.69
C THR C 167 26.44 31.87 -55.92
N LEU C 168 27.01 32.81 -55.19
CA LEU C 168 26.61 34.21 -55.36
C LEU C 168 27.15 34.81 -56.68
N PRO C 169 28.47 34.71 -56.94
CA PRO C 169 28.88 35.23 -58.25
C PRO C 169 28.54 34.27 -59.37
N ALA C 170 28.42 32.98 -59.04
CA ALA C 170 28.10 31.97 -60.04
C ALA C 170 26.72 32.26 -60.63
N LEU C 171 25.71 32.33 -59.78
CA LEU C 171 24.35 32.63 -60.23
C LEU C 171 24.28 33.96 -60.97
N ARG C 172 24.93 34.99 -60.42
CA ARG C 172 24.94 36.32 -61.03
C ARG C 172 25.48 36.29 -62.45
N GLY C 173 26.69 35.77 -62.61
CA GLY C 173 27.33 35.70 -63.91
C GLY C 173 26.71 34.68 -64.86
N LEU C 174 25.84 33.84 -64.32
CA LEU C 174 25.22 32.77 -65.10
C LEU C 174 23.97 33.24 -65.84
N ASP C 175 23.18 34.10 -65.19
CA ASP C 175 21.98 34.63 -65.82
C ASP C 175 22.22 36.04 -66.36
N ARG C 176 23.42 36.56 -66.14
CA ARG C 176 23.80 37.86 -66.69
C ARG C 176 24.01 37.74 -68.19
N ALA C 177 24.44 36.56 -68.62
CA ALA C 177 24.69 36.31 -70.05
C ALA C 177 23.39 36.35 -70.84
N HIS C 178 22.26 36.17 -70.17
CA HIS C 178 20.96 36.17 -70.81
C HIS C 178 20.18 37.43 -70.47
N ARG C 187 19.39 43.00 -60.95
CA ARG C 187 18.35 43.94 -60.61
C ARG C 187 17.78 43.67 -59.21
N LYS C 188 17.40 42.42 -58.97
CA LYS C 188 16.84 42.05 -57.67
C LYS C 188 17.89 41.34 -56.82
N SER C 189 17.51 41.00 -55.59
CA SER C 189 18.42 40.40 -54.63
C SER C 189 18.96 39.04 -55.06
N TYR C 190 20.17 38.73 -54.62
CA TYR C 190 20.78 37.44 -54.88
C TYR C 190 21.16 36.72 -53.58
N SER C 191 20.41 37.01 -52.52
CA SER C 191 20.60 36.33 -51.25
C SER C 191 20.09 34.91 -51.33
N LEU C 192 20.35 34.12 -50.29
CA LEU C 192 19.90 32.74 -50.24
C LEU C 192 18.38 32.69 -50.20
N ALA C 193 17.78 33.56 -49.38
CA ALA C 193 16.34 33.60 -49.22
C ALA C 193 15.64 34.03 -50.50
N SER C 194 16.16 35.06 -51.15
CA SER C 194 15.57 35.56 -52.39
C SER C 194 15.61 34.52 -53.50
N LEU C 195 16.77 33.91 -53.69
CA LEU C 195 16.95 32.90 -54.73
C LEU C 195 16.02 31.71 -54.54
N PHE C 196 15.73 31.38 -53.29
CA PHE C 196 14.85 30.26 -52.99
C PHE C 196 13.39 30.64 -53.16
N HIS C 197 13.08 31.90 -52.87
CA HIS C 197 11.71 32.40 -52.99
C HIS C 197 11.40 32.68 -54.46
N ARG C 198 12.44 32.74 -55.27
CA ARG C 198 12.29 33.03 -56.69
C ARG C 198 12.25 31.75 -57.51
N TYR C 199 13.21 30.87 -57.29
CA TYR C 199 13.31 29.62 -58.04
C TYR C 199 12.24 28.62 -57.61
N PHE C 200 11.80 28.73 -56.35
CA PHE C 200 10.78 27.83 -55.83
C PHE C 200 9.54 28.60 -55.42
N GLN C 201 8.51 27.87 -54.99
CA GLN C 201 7.22 28.47 -54.71
C GLN C 201 7.17 29.20 -53.38
N ALA C 202 7.53 28.51 -52.30
CA ALA C 202 7.39 29.06 -50.96
C ALA C 202 8.74 29.29 -50.29
N GLU C 203 8.71 29.97 -49.15
CA GLU C 203 9.92 30.25 -48.38
C GLU C 203 10.36 29.00 -47.62
N PRO C 204 11.66 28.90 -47.33
CA PRO C 204 12.20 27.69 -46.69
C PRO C 204 11.69 27.46 -45.26
N SER C 205 12.27 26.48 -44.58
CA SER C 205 11.84 26.11 -43.24
C SER C 205 12.12 27.21 -42.23
N ALA C 206 11.60 27.05 -41.01
CA ALA C 206 11.75 28.05 -39.96
C ALA C 206 12.76 27.61 -38.90
N ALA C 207 13.54 26.58 -39.22
CA ALA C 207 14.57 26.10 -38.29
C ALA C 207 15.77 27.04 -38.29
N HIS C 208 16.16 27.48 -39.48
CA HIS C 208 17.30 28.38 -39.67
C HIS C 208 18.57 27.88 -38.98
N SER C 209 18.77 26.57 -38.99
CA SER C 209 20.00 25.98 -38.48
C SER C 209 21.05 25.97 -39.59
N ALA C 210 22.28 25.60 -39.24
CA ALA C 210 23.34 25.50 -40.23
C ALA C 210 22.93 24.48 -41.29
N GLU C 211 22.42 23.35 -40.83
CA GLU C 211 21.96 22.29 -41.73
C GLU C 211 20.76 22.75 -42.56
N GLY C 212 20.02 23.70 -42.01
CA GLY C 212 18.86 24.24 -42.71
C GLY C 212 19.25 24.97 -43.98
N ASP C 213 20.26 25.84 -43.86
CA ASP C 213 20.69 26.66 -44.99
C ASP C 213 21.45 25.86 -46.04
N VAL C 214 22.10 24.79 -45.62
CA VAL C 214 22.74 23.90 -46.58
C VAL C 214 21.66 23.21 -47.42
N HIS C 215 20.56 22.88 -46.77
CA HIS C 215 19.41 22.28 -47.45
C HIS C 215 18.87 23.20 -48.51
N THR C 216 18.55 24.43 -48.13
CA THR C 216 18.02 25.42 -49.07
C THR C 216 19.03 25.74 -50.16
N LEU C 217 20.31 25.65 -49.82
CA LEU C 217 21.37 25.93 -50.80
C LEU C 217 21.46 24.81 -51.82
N LEU C 218 21.36 23.58 -51.34
CA LEU C 218 21.42 22.42 -52.22
C LEU C 218 20.24 22.39 -53.19
N LEU C 219 19.07 22.83 -52.72
CA LEU C 219 17.89 22.86 -53.58
C LEU C 219 18.06 23.89 -54.69
N ILE C 220 18.53 25.08 -54.32
CA ILE C 220 18.82 26.13 -55.29
C ILE C 220 19.80 25.62 -56.34
N PHE C 221 20.85 24.93 -55.89
CA PHE C 221 21.84 24.36 -56.79
C PHE C 221 21.20 23.37 -57.76
N LEU C 222 20.33 22.52 -57.23
CA LEU C 222 19.72 21.46 -58.03
C LEU C 222 18.81 22.02 -59.13
N HIS C 223 18.17 23.14 -58.85
CA HIS C 223 17.27 23.76 -59.82
C HIS C 223 18.01 24.18 -61.08
N ARG C 224 19.25 24.65 -60.90
CA ARG C 224 20.08 25.04 -62.04
C ARG C 224 21.38 24.25 -62.01
N ALA C 225 21.25 22.94 -61.83
CA ALA C 225 22.41 22.04 -61.71
C ALA C 225 23.32 22.01 -62.94
N PRO C 226 22.77 21.78 -64.16
CA PRO C 226 23.70 21.69 -65.30
C PRO C 226 24.50 22.97 -65.52
N GLU C 227 23.87 24.11 -65.26
CA GLU C 227 24.54 25.40 -65.39
C GLU C 227 25.66 25.56 -64.36
N LEU C 228 25.29 25.50 -63.09
CA LEU C 228 26.23 25.72 -62.00
C LEU C 228 27.39 24.73 -62.01
N LEU C 229 27.10 23.48 -62.33
CA LEU C 229 28.13 22.45 -62.37
C LEU C 229 29.16 22.77 -63.45
N ALA C 230 28.70 23.39 -64.53
CA ALA C 230 29.58 23.78 -65.61
C ALA C 230 30.44 24.98 -65.20
N TRP C 231 29.82 25.94 -64.52
CA TRP C 231 30.52 27.12 -64.01
C TRP C 231 31.60 26.71 -63.02
N ALA C 232 31.35 25.61 -62.30
CA ALA C 232 32.31 25.08 -61.34
C ALA C 232 33.42 24.30 -62.05
N ASP C 233 33.19 23.95 -63.31
CA ASP C 233 34.20 23.25 -64.08
C ASP C 233 35.19 24.23 -64.71
N GLU C 234 34.87 25.51 -64.63
CA GLU C 234 35.68 26.53 -65.29
C GLU C 234 36.14 27.65 -64.35
N GLN C 235 35.24 28.13 -63.50
CA GLN C 235 35.53 29.30 -62.67
C GLN C 235 35.76 28.95 -61.19
N ALA C 236 35.97 27.68 -60.89
CA ALA C 236 36.19 27.25 -59.52
C ALA C 236 37.59 27.59 -59.03
N ARG C 237 37.68 28.17 -57.83
CA ARG C 237 38.97 28.56 -57.27
C ARG C 237 39.57 27.46 -56.41
N SER C 238 40.90 27.41 -56.37
CA SER C 238 41.61 26.43 -55.56
C SER C 238 41.54 26.83 -54.08
N TRP C 239 41.27 25.85 -53.22
CA TRP C 239 41.13 26.10 -51.79
C TRP C 239 42.43 26.64 -51.20
N ALA C 240 43.55 26.11 -51.70
CA ALA C 240 44.86 26.53 -51.21
C ALA C 240 45.12 28.00 -51.53
N HIS C 241 44.42 28.52 -52.54
CA HIS C 241 44.61 29.89 -52.97
C HIS C 241 43.76 30.89 -52.17
N ILE C 242 42.66 30.42 -51.59
CA ILE C 242 41.82 31.31 -50.81
C ILE C 242 42.53 31.68 -49.50
N GLU C 243 42.30 32.88 -49.01
CA GLU C 243 43.05 33.40 -47.87
C GLU C 243 42.17 33.50 -46.62
N PRO C 244 42.78 33.28 -45.44
CA PRO C 244 42.04 33.34 -44.17
C PRO C 244 41.46 34.72 -43.89
N MET C 245 40.33 34.74 -43.20
CA MET C 245 39.65 36.00 -42.86
C MET C 245 40.50 36.84 -41.91
N TYR C 246 41.14 36.19 -40.95
CA TYR C 246 41.96 36.87 -39.97
C TYR C 246 43.14 35.99 -39.53
N VAL C 247 43.96 36.53 -38.62
CA VAL C 247 45.08 35.78 -38.07
C VAL C 247 45.02 35.79 -36.54
N PRO C 248 44.87 34.60 -35.94
CA PRO C 248 44.76 34.46 -34.48
C PRO C 248 46.10 34.14 -33.82
N PRO D 25 26.48 4.34 -13.82
CA PRO D 25 26.73 4.75 -15.20
C PRO D 25 25.72 5.80 -15.68
N ARG D 26 26.04 7.07 -15.51
CA ARG D 26 25.13 8.14 -15.87
C ARG D 26 25.62 8.90 -17.11
N ALA D 27 25.13 8.48 -18.27
CA ALA D 27 25.55 9.05 -19.55
C ALA D 27 25.18 10.53 -19.64
N GLU D 28 26.07 11.31 -20.26
CA GLU D 28 25.82 12.74 -20.46
C GLU D 28 25.38 13.01 -21.90
N THR D 29 25.72 12.11 -22.81
CA THR D 29 25.36 12.28 -24.21
C THR D 29 24.71 11.02 -24.77
N PHE D 30 23.61 11.21 -25.48
CA PHE D 30 22.89 10.11 -26.10
C PHE D 30 22.99 10.17 -27.61
N VAL D 31 23.76 9.26 -28.19
CA VAL D 31 23.89 9.18 -29.64
C VAL D 31 22.85 8.22 -30.20
N PHE D 32 21.85 8.77 -30.87
CA PHE D 32 20.77 7.97 -31.45
C PHE D 32 21.22 7.35 -32.77
N LEU D 33 21.11 6.04 -32.87
CA LEU D 33 21.69 5.29 -33.98
C LEU D 33 20.66 4.49 -34.77
N ASP D 34 20.79 4.50 -36.09
CA ASP D 34 19.97 3.68 -36.97
C ASP D 34 20.79 3.22 -38.16
N LEU D 35 20.64 1.95 -38.54
CA LEU D 35 21.39 1.40 -39.66
C LEU D 35 20.47 0.97 -40.79
N GLU D 36 21.03 0.95 -42.00
CA GLU D 36 20.32 0.43 -43.17
C GLU D 36 21.19 -0.60 -43.86
N ALA D 37 21.01 -1.86 -43.53
CA ALA D 37 21.86 -2.93 -44.06
C ALA D 37 21.26 -3.57 -45.31
N THR D 38 21.80 -4.72 -45.69
CA THR D 38 21.37 -5.41 -46.90
C THR D 38 20.22 -6.38 -46.64
N GLY D 39 19.79 -6.46 -45.38
CA GLY D 39 18.65 -7.30 -45.05
C GLY D 39 18.62 -7.80 -43.62
N LEU D 40 17.91 -8.91 -43.42
CA LEU D 40 17.78 -9.51 -42.10
C LEU D 40 19.02 -10.31 -41.74
N PRO D 41 19.30 -10.45 -40.42
CA PRO D 41 20.52 -11.11 -39.93
C PRO D 41 20.57 -12.62 -40.16
N ASN D 42 19.65 -13.18 -40.95
CA ASN D 42 19.76 -14.57 -41.36
C ASN D 42 21.07 -14.78 -42.09
N MET D 43 21.21 -14.13 -43.23
CA MET D 43 22.52 -13.97 -43.86
C MET D 43 23.18 -12.76 -43.22
N ASP D 44 24.50 -12.78 -43.10
CA ASP D 44 25.21 -11.67 -42.47
C ASP D 44 25.13 -10.41 -43.32
N PRO D 45 24.42 -9.39 -42.82
CA PRO D 45 24.25 -8.14 -43.56
C PRO D 45 25.39 -7.18 -43.34
N GLU D 46 25.50 -6.17 -44.19
CA GLU D 46 26.52 -5.14 -44.00
C GLU D 46 25.87 -3.76 -43.99
N ILE D 47 26.41 -2.87 -43.16
CA ILE D 47 25.91 -1.51 -43.06
C ILE D 47 26.08 -0.79 -44.39
N ALA D 48 24.98 -0.26 -44.93
CA ALA D 48 25.03 0.51 -46.16
C ALA D 48 24.78 1.98 -45.89
N GLU D 49 24.26 2.28 -44.70
CA GLU D 49 24.05 3.64 -44.28
C GLU D 49 23.92 3.72 -42.76
N ILE D 50 24.75 4.56 -42.14
CA ILE D 50 24.66 4.79 -40.71
C ILE D 50 24.27 6.24 -40.47
N SER D 51 23.48 6.48 -39.44
CA SER D 51 23.10 7.84 -39.07
C SER D 51 23.06 8.02 -37.56
N LEU D 52 23.69 9.08 -37.08
CA LEU D 52 23.80 9.36 -35.65
C LEU D 52 23.31 10.75 -35.30
N PHE D 53 22.40 10.84 -34.32
CA PHE D 53 22.02 12.13 -33.75
C PHE D 53 22.53 12.19 -32.32
N ALA D 54 23.54 13.03 -32.09
CA ALA D 54 24.12 13.17 -30.76
C ALA D 54 23.44 14.29 -29.97
N VAL D 55 22.67 13.91 -28.95
CA VAL D 55 21.97 14.86 -28.11
C VAL D 55 22.52 14.82 -26.69
N HIS D 56 22.74 15.99 -26.11
CA HIS D 56 23.22 16.08 -24.74
C HIS D 56 22.09 15.76 -23.78
N ARG D 57 22.44 15.30 -22.57
CA ARG D 57 21.44 14.91 -21.60
C ARG D 57 20.57 16.08 -21.16
N SER D 58 21.19 17.26 -21.07
CA SER D 58 20.48 18.46 -20.68
C SER D 58 19.32 18.78 -21.62
N SER D 59 19.49 18.46 -22.89
CA SER D 59 18.46 18.71 -23.89
C SER D 59 17.30 17.72 -23.75
N LEU D 60 17.60 16.53 -23.24
CA LEU D 60 16.60 15.48 -23.06
C LEU D 60 15.86 15.64 -21.74
N GLU D 61 16.53 16.23 -20.75
CA GLU D 61 15.89 16.51 -19.46
C GLU D 61 14.89 17.64 -19.60
N ASN D 62 15.24 18.64 -20.41
CA ASN D 62 14.37 19.79 -20.62
C ASN D 62 14.07 20.02 -22.10
N PRO D 63 13.09 19.29 -22.64
CA PRO D 63 12.65 19.50 -24.03
C PRO D 63 11.97 20.86 -24.19
N GLU D 64 12.37 21.62 -25.20
CA GLU D 64 11.82 22.96 -25.42
C GLU D 64 10.31 22.95 -25.62
N ARG D 65 9.85 22.22 -26.64
CA ARG D 65 8.43 22.06 -26.94
C ARG D 65 7.72 23.41 -27.07
N ASP D 66 8.03 24.12 -28.15
CA ASP D 66 7.44 25.45 -28.38
C ASP D 66 6.71 25.52 -29.72
N ASP D 67 5.38 25.48 -29.66
CA ASP D 67 4.55 25.57 -30.85
C ASP D 67 3.37 26.51 -30.64
N LEU D 71 6.30 19.72 -30.03
CA LEU D 71 7.66 19.66 -29.49
C LEU D 71 8.70 19.75 -30.60
N VAL D 72 9.84 20.34 -30.28
CA VAL D 72 10.89 20.57 -31.28
C VAL D 72 12.19 19.88 -30.92
N LEU D 73 13.02 19.64 -31.94
CA LEU D 73 14.33 19.03 -31.73
C LEU D 73 15.28 20.00 -31.05
N PRO D 74 16.24 19.47 -30.27
CA PRO D 74 17.24 20.30 -29.59
C PRO D 74 18.03 21.16 -30.58
N ARG D 75 18.30 22.41 -30.19
CA ARG D 75 19.05 23.32 -31.05
C ARG D 75 20.49 22.84 -31.21
N VAL D 76 21.10 22.43 -30.11
CA VAL D 76 22.44 21.89 -30.15
C VAL D 76 22.38 20.39 -30.39
N LEU D 77 22.65 19.99 -31.64
CA LEU D 77 22.52 18.61 -32.06
C LEU D 77 23.60 18.28 -33.08
N ASP D 78 24.35 17.20 -32.83
CA ASP D 78 25.39 16.76 -33.74
C ASP D 78 24.90 15.62 -34.62
N LYS D 79 25.20 15.69 -35.91
CA LYS D 79 24.74 14.67 -36.84
C LYS D 79 25.90 14.06 -37.63
N LEU D 80 25.70 12.83 -38.09
CA LEU D 80 26.66 12.17 -38.96
C LEU D 80 25.99 11.06 -39.74
N THR D 81 25.98 11.19 -41.06
CA THR D 81 25.40 10.18 -41.94
C THR D 81 26.41 9.78 -43.00
N LEU D 82 26.75 8.50 -43.04
CA LEU D 82 27.70 8.00 -44.03
C LEU D 82 27.10 6.83 -44.81
N CYS D 83 27.30 6.85 -46.13
CA CYS D 83 26.85 5.77 -47.01
C CYS D 83 28.03 4.89 -47.40
N MET D 84 27.80 3.58 -47.38
CA MET D 84 28.85 2.62 -47.73
C MET D 84 28.40 1.67 -48.83
N CYS D 85 29.31 0.79 -49.26
CA CYS D 85 28.99 -0.23 -50.25
C CYS D 85 29.52 -1.59 -49.79
N PRO D 86 28.61 -2.52 -49.51
CA PRO D 86 28.96 -3.85 -49.01
C PRO D 86 29.61 -4.73 -50.08
N GLU D 87 30.40 -5.72 -49.65
CA GLU D 87 31.00 -6.65 -50.58
C GLU D 87 29.98 -7.71 -50.99
N ARG D 88 29.11 -8.07 -50.05
CA ARG D 88 28.01 -8.98 -50.33
C ARG D 88 26.79 -8.19 -50.81
N PRO D 89 26.09 -8.72 -51.83
CA PRO D 89 24.98 -8.02 -52.47
C PRO D 89 23.76 -7.84 -51.57
N PHE D 90 22.81 -7.03 -52.02
CA PHE D 90 21.58 -6.75 -51.27
C PHE D 90 20.54 -7.85 -51.47
N THR D 91 19.33 -7.58 -50.97
CA THR D 91 18.18 -8.41 -51.26
C THR D 91 17.12 -7.56 -51.96
N ALA D 92 16.12 -8.22 -52.54
CA ALA D 92 15.07 -7.51 -53.26
C ALA D 92 14.25 -6.63 -52.33
N LYS D 93 14.02 -7.11 -51.12
CA LYS D 93 13.20 -6.38 -50.15
C LYS D 93 13.94 -5.17 -49.57
N ALA D 94 15.20 -5.38 -49.22
CA ALA D 94 16.01 -4.31 -48.62
C ALA D 94 16.23 -3.16 -49.59
N SER D 95 16.43 -3.48 -50.87
CA SER D 95 16.63 -2.47 -51.90
C SER D 95 15.33 -1.70 -52.17
N GLU D 96 14.21 -2.30 -51.81
CA GLU D 96 12.93 -1.62 -51.94
C GLU D 96 12.73 -0.65 -50.78
N ILE D 97 13.11 -1.09 -49.59
CA ILE D 97 12.97 -0.29 -48.38
C ILE D 97 13.99 0.84 -48.31
N THR D 98 15.27 0.48 -48.32
CA THR D 98 16.34 1.46 -48.19
C THR D 98 16.45 2.35 -49.42
N GLY D 99 16.16 1.79 -50.59
CA GLY D 99 16.28 2.52 -51.84
C GLY D 99 17.73 2.59 -52.27
N LEU D 100 18.53 1.64 -51.78
CA LEU D 100 19.95 1.58 -52.08
C LEU D 100 20.29 0.38 -52.95
N SER D 101 21.27 0.54 -53.83
CA SER D 101 21.75 -0.55 -54.67
C SER D 101 23.26 -0.70 -54.53
N SER D 102 23.75 -1.93 -54.65
CA SER D 102 25.18 -2.21 -54.54
C SER D 102 25.96 -1.47 -55.61
N GLU D 103 25.34 -1.25 -56.76
CA GLU D 103 25.98 -0.56 -57.87
C GLU D 103 25.75 0.95 -57.76
N SER D 104 24.58 1.34 -57.26
CA SER D 104 24.24 2.75 -57.09
C SER D 104 25.16 3.42 -56.08
N LEU D 105 25.61 2.64 -55.09
CA LEU D 105 26.52 3.15 -54.07
C LEU D 105 27.93 3.26 -54.62
N MET D 106 28.19 2.61 -55.75
CA MET D 106 29.49 2.69 -56.40
C MET D 106 29.53 3.86 -57.39
N HIS D 107 28.40 4.18 -57.98
CA HIS D 107 28.32 5.30 -58.92
C HIS D 107 28.46 6.63 -58.19
N CYS D 108 28.10 6.66 -56.92
CA CYS D 108 28.21 7.87 -56.13
C CYS D 108 29.54 7.92 -55.38
N GLY D 109 30.46 7.04 -55.77
CA GLY D 109 31.81 7.04 -55.24
C GLY D 109 31.89 6.81 -53.74
N LYS D 110 31.24 5.76 -53.27
CA LYS D 110 31.30 5.39 -51.86
C LYS D 110 31.94 4.02 -51.69
N ALA D 111 32.95 3.94 -50.83
CA ALA D 111 33.61 2.68 -50.56
C ALA D 111 32.84 1.85 -49.54
N GLY D 112 33.49 0.81 -49.02
CA GLY D 112 32.89 -0.01 -47.99
C GLY D 112 33.22 0.52 -46.61
N PHE D 113 33.05 -0.32 -45.60
CA PHE D 113 33.33 0.08 -44.22
C PHE D 113 34.83 0.09 -43.97
N ASN D 114 35.50 1.15 -44.40
CA ASN D 114 36.95 1.26 -44.26
C ASN D 114 37.36 2.01 -43.00
N GLY D 115 38.66 2.27 -42.88
CA GLY D 115 39.18 3.01 -41.75
C GLY D 115 38.75 4.46 -41.76
N ALA D 116 38.40 4.96 -42.96
CA ALA D 116 37.88 6.31 -43.10
C ALA D 116 36.56 6.46 -42.33
N VAL D 117 35.76 5.40 -42.32
CA VAL D 117 34.52 5.39 -41.55
C VAL D 117 34.82 5.41 -40.06
N VAL D 118 35.78 4.59 -39.65
CA VAL D 118 36.14 4.47 -38.24
C VAL D 118 36.73 5.76 -37.68
N ARG D 119 37.64 6.36 -38.43
CA ARG D 119 38.27 7.61 -38.02
C ARG D 119 37.24 8.74 -37.92
N THR D 120 36.28 8.75 -38.84
CA THR D 120 35.22 9.74 -38.83
C THR D 120 34.26 9.50 -37.67
N LEU D 121 33.94 8.23 -37.45
CA LEU D 121 33.06 7.83 -36.36
C LEU D 121 33.68 8.13 -35.00
N GLN D 122 34.96 7.77 -34.84
CA GLN D 122 35.65 7.96 -33.56
C GLN D 122 35.81 9.44 -33.24
N GLY D 123 36.08 10.25 -34.27
CA GLY D 123 36.18 11.69 -34.10
C GLY D 123 34.85 12.27 -33.68
N PHE D 124 33.78 11.83 -34.34
CA PHE D 124 32.42 12.31 -34.07
C PHE D 124 32.04 12.07 -32.61
N LEU D 125 32.28 10.84 -32.14
CA LEU D 125 31.97 10.48 -30.76
C LEU D 125 32.91 11.16 -29.77
N SER D 126 34.12 11.48 -30.20
CA SER D 126 35.10 12.09 -29.31
C SER D 126 34.69 13.51 -28.91
N ARG D 127 33.77 14.09 -29.68
CA ARG D 127 33.33 15.45 -29.41
C ARG D 127 32.14 15.50 -28.44
N GLN D 128 31.66 14.33 -28.04
CA GLN D 128 30.53 14.27 -27.11
C GLN D 128 31.04 14.18 -25.68
N GLU D 129 30.36 14.88 -24.77
CA GLU D 129 30.83 15.07 -23.40
C GLU D 129 31.16 13.77 -22.66
N GLY D 130 30.39 12.72 -22.91
CA GLY D 130 30.67 11.43 -22.31
C GLY D 130 30.27 11.34 -20.84
N PRO D 131 29.94 10.13 -20.37
CA PRO D 131 29.93 8.87 -21.14
C PRO D 131 28.78 8.79 -22.14
N ILE D 132 29.00 8.08 -23.24
CA ILE D 132 28.06 8.03 -24.35
C ILE D 132 27.07 6.87 -24.25
N CYS D 133 25.80 7.16 -24.48
CA CYS D 133 24.78 6.12 -24.55
C CYS D 133 24.23 5.98 -25.96
N LEU D 134 24.50 4.84 -26.59
CA LEU D 134 23.97 4.56 -27.92
C LEU D 134 22.50 4.16 -27.83
N VAL D 135 21.68 4.73 -28.70
CA VAL D 135 20.25 4.44 -28.68
C VAL D 135 19.74 3.96 -30.03
N ALA D 136 19.17 2.75 -30.06
CA ALA D 136 18.61 2.18 -31.28
C ALA D 136 17.38 1.34 -30.97
N HIS D 137 16.35 1.47 -31.80
CA HIS D 137 15.12 0.71 -31.61
C HIS D 137 15.33 -0.72 -32.10
N ASN D 138 15.08 -1.69 -31.20
CA ASN D 138 15.41 -3.09 -31.43
C ASN D 138 16.90 -3.24 -31.69
N GLY D 139 17.69 -2.42 -31.00
CA GLY D 139 19.13 -2.38 -31.21
C GLY D 139 19.87 -3.60 -30.71
N PHE D 140 19.35 -4.21 -29.66
CA PHE D 140 19.96 -5.40 -29.08
C PHE D 140 19.97 -6.56 -30.08
N ASP D 141 18.97 -6.59 -30.95
CA ASP D 141 18.79 -7.71 -31.85
C ASP D 141 19.24 -7.42 -33.27
N TYR D 142 19.60 -6.17 -33.55
CA TYR D 142 20.01 -5.80 -34.89
C TYR D 142 21.17 -4.81 -34.93
N ASP D 143 20.89 -3.56 -34.60
CA ASP D 143 21.86 -2.46 -34.77
C ASP D 143 23.18 -2.67 -34.03
N PHE D 144 23.11 -2.91 -32.73
CA PHE D 144 24.30 -3.03 -31.91
C PHE D 144 25.18 -4.25 -32.25
N PRO D 145 24.58 -5.42 -32.47
CA PRO D 145 25.46 -6.51 -32.92
C PRO D 145 26.06 -6.26 -34.31
N LEU D 146 25.30 -5.62 -35.20
CA LEU D 146 25.78 -5.37 -36.56
C LEU D 146 26.92 -4.37 -36.56
N LEU D 147 26.77 -3.30 -35.79
CA LEU D 147 27.84 -2.29 -35.67
C LEU D 147 29.08 -2.92 -35.05
N CYS D 148 28.87 -3.88 -34.17
CA CYS D 148 29.97 -4.58 -33.49
C CYS D 148 30.82 -5.39 -34.46
N THR D 149 30.18 -5.95 -35.49
CA THR D 149 30.91 -6.73 -36.48
C THR D 149 31.78 -5.86 -37.38
N GLU D 150 31.17 -4.80 -37.92
CA GLU D 150 31.85 -3.90 -38.85
C GLU D 150 33.07 -3.21 -38.22
N LEU D 151 33.06 -3.12 -36.89
CA LEU D 151 34.16 -2.48 -36.18
C LEU D 151 35.21 -3.50 -35.71
N GLN D 152 34.74 -4.66 -35.29
CA GLN D 152 35.64 -5.71 -34.81
C GLN D 152 36.46 -6.29 -35.96
N ARG D 153 35.88 -6.30 -37.15
CA ARG D 153 36.57 -6.77 -38.34
C ARG D 153 37.76 -5.87 -38.67
N LEU D 154 37.64 -4.59 -38.32
CA LEU D 154 38.71 -3.64 -38.53
C LEU D 154 39.46 -3.39 -37.23
N GLY D 155 39.04 -4.08 -36.18
CA GLY D 155 39.65 -3.92 -34.87
C GLY D 155 39.40 -2.55 -34.29
N ALA D 156 38.19 -2.04 -34.51
CA ALA D 156 37.81 -0.72 -34.04
C ALA D 156 37.16 -0.80 -32.66
N HIS D 157 37.49 0.17 -31.81
CA HIS D 157 36.96 0.19 -30.45
C HIS D 157 36.23 1.49 -30.14
N LEU D 158 35.06 1.38 -29.54
CA LEU D 158 34.33 2.53 -29.04
C LEU D 158 34.87 2.87 -27.65
N PRO D 159 34.75 4.14 -27.24
CA PRO D 159 35.18 4.59 -25.90
C PRO D 159 34.74 3.64 -24.79
N GLN D 160 35.57 3.52 -23.76
CA GLN D 160 35.42 2.51 -22.72
C GLN D 160 34.05 2.49 -22.05
N ASP D 161 33.65 3.63 -21.49
CA ASP D 161 32.46 3.70 -20.65
C ASP D 161 31.14 3.81 -21.42
N THR D 162 31.15 3.44 -22.69
CA THR D 162 29.96 3.58 -23.53
C THR D 162 28.92 2.51 -23.25
N VAL D 163 27.67 2.93 -23.14
CA VAL D 163 26.58 2.03 -22.83
C VAL D 163 25.53 2.05 -23.93
N CYS D 164 24.73 0.98 -24.01
CA CYS D 164 23.68 0.89 -25.02
C CYS D 164 22.31 0.91 -24.38
N LEU D 165 21.36 1.53 -25.06
CA LEU D 165 19.96 1.48 -24.66
C LEU D 165 19.10 1.08 -25.84
N ASP D 166 18.31 0.02 -25.66
CA ASP D 166 17.34 -0.40 -26.65
C ASP D 166 15.97 0.08 -26.21
N THR D 167 15.33 0.89 -27.05
CA THR D 167 14.06 1.50 -26.71
C THR D 167 12.88 0.52 -26.76
N LEU D 168 13.06 -0.59 -27.46
CA LEU D 168 12.00 -1.58 -27.61
C LEU D 168 11.69 -2.31 -26.30
N PRO D 169 12.71 -2.87 -25.62
CA PRO D 169 12.38 -3.46 -24.32
C PRO D 169 12.02 -2.42 -23.28
N ALA D 170 12.61 -1.23 -23.39
CA ALA D 170 12.38 -0.18 -22.41
C ALA D 170 10.93 0.31 -22.43
N LEU D 171 10.46 0.75 -23.59
CA LEU D 171 9.11 1.28 -23.72
C LEU D 171 8.05 0.22 -23.40
N ARG D 172 8.38 -1.03 -23.70
CA ARG D 172 7.49 -2.15 -23.42
C ARG D 172 7.45 -2.42 -21.91
N GLY D 173 8.62 -2.37 -21.28
CA GLY D 173 8.72 -2.58 -19.85
C GLY D 173 8.16 -1.43 -19.04
N LEU D 174 8.26 -0.22 -19.58
CA LEU D 174 7.75 0.97 -18.90
C LEU D 174 6.23 0.96 -18.88
N ASP D 175 5.63 0.36 -19.90
CA ASP D 175 4.17 0.29 -20.00
C ASP D 175 3.62 -0.79 -19.07
N ARG D 176 4.43 -1.82 -18.79
CA ARG D 176 4.05 -2.85 -17.84
C ARG D 176 3.81 -2.26 -16.45
N ALA D 177 4.61 -1.27 -16.10
CA ALA D 177 4.53 -0.64 -14.79
C ALA D 177 3.23 0.13 -14.60
N HIS D 178 2.65 0.59 -15.69
CA HIS D 178 1.42 1.39 -15.63
C HIS D 178 0.17 0.53 -15.79
N SER D 179 0.36 -0.73 -16.16
CA SER D 179 -0.77 -1.65 -16.36
C SER D 179 -0.37 -3.10 -16.18
N HIS D 180 -0.70 -3.67 -15.04
CA HIS D 180 -0.45 -5.08 -14.78
C HIS D 180 -1.51 -5.66 -13.84
N ARG D 187 0.43 -8.05 -27.14
CA ARG D 187 -0.65 -7.68 -28.06
C ARG D 187 -0.48 -6.26 -28.58
N LYS D 188 0.19 -5.41 -27.80
CA LYS D 188 0.40 -4.02 -28.18
C LYS D 188 1.60 -3.90 -29.11
N SER D 189 1.45 -3.09 -30.17
CA SER D 189 2.50 -2.91 -31.15
C SER D 189 3.57 -1.95 -30.67
N TYR D 190 4.82 -2.40 -30.68
CA TYR D 190 5.93 -1.57 -30.25
C TYR D 190 6.96 -1.38 -31.36
N SER D 191 6.49 -1.32 -32.59
CA SER D 191 7.34 -0.99 -33.72
C SER D 191 7.61 0.51 -33.74
N LEU D 192 8.60 0.92 -34.51
CA LEU D 192 8.91 2.34 -34.64
C LEU D 192 7.71 3.08 -35.19
N ALA D 193 7.10 2.55 -36.25
CA ALA D 193 5.95 3.16 -36.89
C ALA D 193 4.74 3.26 -35.96
N SER D 194 4.46 2.18 -35.24
CA SER D 194 3.32 2.15 -34.33
C SER D 194 3.48 3.12 -33.16
N LEU D 195 4.66 3.10 -32.54
CA LEU D 195 4.94 3.96 -31.39
C LEU D 195 4.81 5.43 -31.76
N PHE D 196 5.28 5.78 -32.96
CA PHE D 196 5.18 7.14 -33.44
C PHE D 196 3.72 7.53 -33.67
N HIS D 197 2.94 6.60 -34.23
CA HIS D 197 1.54 6.87 -34.52
C HIS D 197 0.73 7.02 -33.25
N ARG D 198 1.08 6.26 -32.22
CA ARG D 198 0.34 6.27 -30.96
C ARG D 198 0.65 7.50 -30.12
N TYR D 199 1.88 8.00 -30.21
CA TYR D 199 2.30 9.13 -29.39
C TYR D 199 2.03 10.48 -30.07
N PHE D 200 2.06 10.49 -31.39
CA PHE D 200 1.99 11.76 -32.13
C PHE D 200 0.75 11.86 -33.01
N GLN D 201 -0.01 10.78 -33.11
CA GLN D 201 -1.23 10.73 -33.90
C GLN D 201 -1.02 11.26 -35.32
N ALA D 202 0.13 10.92 -35.90
CA ALA D 202 0.47 11.41 -37.24
C ALA D 202 1.42 10.45 -37.93
N GLU D 203 1.63 10.66 -39.23
CA GLU D 203 2.51 9.81 -40.02
C GLU D 203 3.95 10.31 -39.91
N PRO D 204 4.90 9.38 -39.70
CA PRO D 204 6.31 9.74 -39.62
C PRO D 204 6.78 10.47 -40.88
N SER D 205 7.68 11.44 -40.70
CA SER D 205 8.09 12.35 -41.76
C SER D 205 8.75 11.65 -42.95
N ALA D 206 9.15 10.39 -42.75
CA ALA D 206 9.80 9.60 -43.80
C ALA D 206 8.91 9.46 -45.04
N ALA D 207 9.41 9.68 -46.27
CA ALA D 207 10.79 10.07 -46.64
C ALA D 207 11.88 9.18 -46.04
N HIS D 208 11.82 7.89 -46.38
CA HIS D 208 12.64 6.90 -45.69
C HIS D 208 14.14 7.03 -45.96
N SER D 209 14.92 6.90 -44.89
CA SER D 209 16.37 6.96 -44.91
C SER D 209 16.86 6.62 -43.51
N ALA D 210 18.17 6.41 -43.36
CA ALA D 210 18.72 6.11 -42.04
C ALA D 210 18.52 7.30 -41.11
N GLU D 211 18.65 8.50 -41.66
CA GLU D 211 18.50 9.73 -40.91
C GLU D 211 17.04 9.94 -40.51
N GLY D 212 16.13 9.49 -41.36
CA GLY D 212 14.72 9.62 -41.10
C GLY D 212 14.25 8.80 -39.91
N ASP D 213 14.79 7.59 -39.78
CA ASP D 213 14.40 6.71 -38.68
C ASP D 213 14.94 7.21 -37.34
N VAL D 214 16.14 7.79 -37.35
CA VAL D 214 16.69 8.40 -36.15
C VAL D 214 15.81 9.56 -35.69
N HIS D 215 15.37 10.37 -36.63
CA HIS D 215 14.51 11.51 -36.34
C HIS D 215 13.21 11.07 -35.70
N THR D 216 12.65 9.97 -36.19
CA THR D 216 11.40 9.45 -35.65
C THR D 216 11.65 8.66 -34.36
N LEU D 217 12.91 8.33 -34.10
CA LEU D 217 13.28 7.67 -32.85
C LEU D 217 13.51 8.68 -31.74
N LEU D 218 14.19 9.79 -32.07
CA LEU D 218 14.48 10.82 -31.10
C LEU D 218 13.20 11.46 -30.55
N LEU D 219 12.22 11.65 -31.42
CA LEU D 219 10.93 12.21 -31.00
C LEU D 219 10.21 11.28 -30.03
N ILE D 220 10.17 10.00 -30.36
CA ILE D 220 9.56 8.99 -29.50
C ILE D 220 10.23 9.01 -28.12
N PHE D 221 11.55 9.12 -28.13
CA PHE D 221 12.32 9.24 -26.90
C PHE D 221 11.88 10.46 -26.09
N LEU D 222 11.81 11.62 -26.75
CA LEU D 222 11.48 12.88 -26.08
C LEU D 222 10.07 12.86 -25.48
N HIS D 223 9.20 12.05 -26.07
CA HIS D 223 7.84 11.91 -25.57
C HIS D 223 7.81 11.14 -24.25
N ARG D 224 8.86 10.35 -24.02
CA ARG D 224 8.98 9.56 -22.80
C ARG D 224 10.37 9.73 -22.19
N ALA D 225 10.90 10.95 -22.30
CA ALA D 225 12.29 11.22 -21.95
C ALA D 225 12.65 10.96 -20.48
N PRO D 226 11.83 11.45 -19.53
CA PRO D 226 12.23 11.16 -18.15
C PRO D 226 12.23 9.66 -17.82
N GLU D 227 11.30 8.91 -18.39
CA GLU D 227 11.23 7.48 -18.13
C GLU D 227 12.40 6.73 -18.76
N LEU D 228 12.68 7.04 -20.02
CA LEU D 228 13.74 6.36 -20.76
C LEU D 228 15.13 6.75 -20.25
N LEU D 229 15.27 7.96 -19.73
CA LEU D 229 16.51 8.38 -19.09
C LEU D 229 16.74 7.56 -17.84
N ALA D 230 15.71 7.45 -17.01
CA ALA D 230 15.78 6.69 -15.78
C ALA D 230 16.07 5.23 -16.08
N TRP D 231 15.51 4.74 -17.17
CA TRP D 231 15.74 3.36 -17.60
C TRP D 231 17.19 3.15 -17.99
N ALA D 232 17.75 4.12 -18.73
CA ALA D 232 19.12 4.03 -19.22
C ALA D 232 20.12 4.14 -18.07
N ASP D 233 19.76 4.89 -17.04
CA ASP D 233 20.61 5.06 -15.87
C ASP D 233 20.76 3.75 -15.10
N GLU D 234 19.82 2.83 -15.30
CA GLU D 234 19.77 1.65 -14.46
C GLU D 234 20.06 0.35 -15.22
N GLN D 235 19.65 0.27 -16.47
CA GLN D 235 19.69 -1.00 -17.19
C GLN D 235 20.44 -0.97 -18.52
N ALA D 236 21.27 0.04 -18.74
CA ALA D 236 22.00 0.15 -19.99
C ALA D 236 23.15 -0.85 -20.07
N ARG D 237 23.11 -1.71 -21.08
CA ARG D 237 24.16 -2.70 -21.27
C ARG D 237 25.44 -2.04 -21.81
N SER D 238 26.59 -2.57 -21.42
CA SER D 238 27.87 -2.00 -21.82
C SER D 238 28.25 -2.44 -23.23
N TRP D 239 28.86 -1.54 -23.98
CA TRP D 239 29.24 -1.81 -25.37
C TRP D 239 30.26 -2.94 -25.47
N ALA D 240 31.10 -3.07 -24.46
CA ALA D 240 32.12 -4.12 -24.42
C ALA D 240 31.47 -5.49 -24.38
N HIS D 241 30.31 -5.58 -23.71
CA HIS D 241 29.61 -6.84 -23.58
C HIS D 241 28.77 -7.17 -24.79
N ILE D 242 28.71 -6.24 -25.75
CA ILE D 242 27.95 -6.47 -26.97
C ILE D 242 28.65 -7.48 -27.87
N GLU D 243 28.02 -8.65 -28.02
CA GLU D 243 28.58 -9.70 -28.85
C GLU D 243 28.31 -9.43 -30.33
N PRO D 244 29.29 -9.77 -31.20
CA PRO D 244 29.14 -9.57 -32.63
C PRO D 244 28.07 -10.47 -33.25
N MET D 245 27.42 -10.00 -34.29
CA MET D 245 26.41 -10.78 -35.00
C MET D 245 27.02 -11.98 -35.72
N TYR D 246 27.83 -11.71 -36.74
CA TYR D 246 28.54 -12.77 -37.45
C TYR D 246 29.99 -12.40 -37.74
N VAL D 247 30.88 -13.38 -37.65
CA VAL D 247 32.30 -13.15 -37.92
C VAL D 247 32.83 -14.15 -38.94
N PRO D 248 33.31 -13.65 -40.09
CA PRO D 248 33.88 -14.50 -41.14
C PRO D 248 35.30 -14.96 -40.81
N PRO E 25 -9.05 -3.46 29.23
CA PRO E 25 -10.20 -2.59 28.93
C PRO E 25 -11.21 -3.25 27.99
N ARG E 26 -10.72 -4.13 27.12
CA ARG E 26 -11.59 -4.81 26.16
C ARG E 26 -12.57 -5.76 26.86
N ALA E 27 -13.86 -5.53 26.62
CA ALA E 27 -14.90 -6.33 27.24
C ALA E 27 -14.96 -7.73 26.64
N GLU E 28 -15.04 -8.74 27.51
CA GLU E 28 -15.07 -10.13 27.07
C GLU E 28 -16.50 -10.65 26.95
N THR E 29 -17.38 -10.17 27.83
CA THR E 29 -18.78 -10.56 27.79
C THR E 29 -19.68 -9.35 27.60
N PHE E 30 -20.68 -9.49 26.72
CA PHE E 30 -21.65 -8.43 26.46
C PHE E 30 -23.03 -8.81 27.00
N VAL E 31 -23.52 -8.04 27.96
CA VAL E 31 -24.82 -8.33 28.57
C VAL E 31 -25.89 -7.35 28.08
N PHE E 32 -26.83 -7.88 27.31
CA PHE E 32 -27.91 -7.07 26.76
C PHE E 32 -29.07 -7.00 27.73
N LEU E 33 -29.50 -5.79 28.08
CA LEU E 33 -30.58 -5.62 29.06
C LEU E 33 -31.68 -4.70 28.56
N ASP E 34 -32.87 -4.87 29.14
CA ASP E 34 -33.99 -3.98 28.87
C ASP E 34 -34.84 -3.85 30.13
N LEU E 35 -35.37 -2.66 30.36
CA LEU E 35 -36.17 -2.40 31.55
C LEU E 35 -37.60 -2.05 31.19
N GLU E 36 -38.54 -2.67 31.89
CA GLU E 36 -39.94 -2.23 31.81
C GLU E 36 -40.27 -1.53 33.12
N ALA E 37 -40.71 -0.28 33.03
CA ALA E 37 -40.93 0.52 34.23
C ALA E 37 -42.35 1.07 34.29
N THR E 38 -42.57 1.99 35.22
CA THR E 38 -43.89 2.53 35.46
C THR E 38 -44.19 3.73 34.57
N GLY E 39 -43.14 4.36 34.05
CA GLY E 39 -43.31 5.52 33.19
C GLY E 39 -42.02 6.09 32.63
N LEU E 40 -42.09 7.36 32.24
CA LEU E 40 -40.96 8.04 31.61
C LEU E 40 -40.25 8.96 32.61
N PRO E 41 -38.95 9.22 32.41
CA PRO E 41 -38.05 9.90 33.36
C PRO E 41 -38.64 11.07 34.16
N ASN E 42 -39.61 11.78 33.60
CA ASN E 42 -40.17 12.94 34.27
C ASN E 42 -40.84 12.62 35.61
N MET E 43 -41.49 11.46 35.67
CA MET E 43 -42.27 11.08 36.85
C MET E 43 -41.47 10.26 37.86
N ASP E 44 -40.17 10.12 37.61
CA ASP E 44 -39.29 9.28 38.43
C ASP E 44 -39.81 7.85 38.51
N PRO E 45 -39.80 7.12 37.38
CA PRO E 45 -40.31 5.75 37.35
C PRO E 45 -39.41 4.76 38.08
N GLU E 46 -39.89 3.53 38.23
CA GLU E 46 -39.11 2.48 38.86
C GLU E 46 -39.28 1.16 38.10
N ILE E 47 -38.29 0.30 38.19
CA ILE E 47 -38.25 -0.92 37.38
C ILE E 47 -39.29 -1.95 37.84
N ALA E 48 -40.04 -2.47 36.86
CA ALA E 48 -41.03 -3.51 37.12
C ALA E 48 -40.52 -4.88 36.65
N GLU E 49 -39.96 -4.91 35.45
CA GLU E 49 -39.39 -6.14 34.90
C GLU E 49 -38.02 -5.89 34.30
N ILE E 50 -37.07 -6.78 34.57
CA ILE E 50 -35.73 -6.63 34.04
C ILE E 50 -35.26 -7.95 33.40
N SER E 51 -34.65 -7.86 32.23
CA SER E 51 -34.20 -9.04 31.51
C SER E 51 -32.78 -8.86 30.98
N LEU E 52 -31.97 -9.91 31.11
CA LEU E 52 -30.55 -9.86 30.71
C LEU E 52 -30.17 -11.02 29.81
N PHE E 53 -29.59 -10.73 28.65
CA PHE E 53 -28.99 -11.76 27.81
C PHE E 53 -27.48 -11.61 27.82
N ALA E 54 -26.79 -12.58 28.41
CA ALA E 54 -25.34 -12.52 28.50
C ALA E 54 -24.68 -13.32 27.38
N VAL E 55 -24.02 -12.61 26.47
CA VAL E 55 -23.35 -13.25 25.33
C VAL E 55 -21.85 -12.99 25.40
N HIS E 56 -21.04 -13.99 25.10
CA HIS E 56 -19.60 -13.79 25.06
C HIS E 56 -19.18 -13.18 23.72
N ARG E 57 -18.07 -12.46 23.74
CA ARG E 57 -17.58 -11.76 22.56
C ARG E 57 -17.36 -12.69 21.36
N SER E 58 -16.97 -13.93 21.66
CA SER E 58 -16.74 -14.93 20.62
C SER E 58 -17.99 -15.22 19.81
N SER E 59 -19.14 -15.22 20.48
CA SER E 59 -20.39 -15.52 19.82
C SER E 59 -20.85 -14.36 18.93
N LEU E 60 -20.58 -13.15 19.38
CA LEU E 60 -20.94 -11.95 18.62
C LEU E 60 -20.05 -11.83 17.38
N GLU E 61 -18.77 -12.15 17.55
CA GLU E 61 -17.80 -12.07 16.46
C GLU E 61 -18.07 -13.11 15.37
N ASN E 62 -18.67 -14.23 15.76
CA ASN E 62 -18.96 -15.30 14.81
C ASN E 62 -20.45 -15.63 14.73
N PRO E 63 -21.23 -14.81 14.03
CA PRO E 63 -22.66 -15.06 13.88
C PRO E 63 -22.94 -16.38 13.17
N GLU E 64 -24.08 -17.00 13.48
CA GLU E 64 -24.49 -18.22 12.81
C GLU E 64 -25.94 -18.08 12.32
N ARG E 65 -26.20 -18.55 11.11
CA ARG E 65 -27.53 -18.44 10.51
C ARG E 65 -28.22 -19.80 10.39
N ASP E 66 -29.54 -19.80 10.57
CA ASP E 66 -30.30 -21.04 10.55
C ASP E 66 -30.60 -21.51 9.13
N ASP E 67 -31.56 -22.42 9.02
CA ASP E 67 -31.96 -23.00 7.75
C ASP E 67 -32.67 -21.98 6.86
N SER E 68 -33.30 -20.98 7.49
CA SER E 68 -34.07 -19.98 6.78
C SER E 68 -33.23 -18.76 6.42
N GLY E 69 -31.94 -18.83 6.71
CA GLY E 69 -31.02 -17.74 6.39
C GLY E 69 -31.02 -16.66 7.45
N SER E 70 -32.04 -16.65 8.29
CA SER E 70 -32.16 -15.65 9.34
C SER E 70 -31.19 -15.91 10.51
N LEU E 71 -30.82 -14.86 11.22
CA LEU E 71 -29.92 -15.00 12.36
C LEU E 71 -30.60 -15.72 13.52
N VAL E 72 -29.80 -16.48 14.27
CA VAL E 72 -30.30 -17.14 15.47
C VAL E 72 -29.40 -16.84 16.66
N LEU E 73 -29.99 -16.84 17.85
CA LEU E 73 -29.25 -16.52 19.07
C LEU E 73 -28.11 -17.51 19.30
N PRO E 74 -27.03 -17.04 19.93
CA PRO E 74 -25.89 -17.90 20.28
C PRO E 74 -26.29 -19.02 21.24
N ARG E 75 -25.72 -20.20 21.06
CA ARG E 75 -26.04 -21.35 21.90
C ARG E 75 -25.69 -21.09 23.36
N VAL E 76 -24.42 -20.84 23.62
CA VAL E 76 -23.98 -20.47 24.96
C VAL E 76 -24.53 -19.09 25.32
N LEU E 77 -25.67 -19.08 25.99
CA LEU E 77 -26.38 -17.84 26.30
C LEU E 77 -26.95 -17.88 27.71
N ASP E 78 -26.64 -16.85 28.50
CA ASP E 78 -27.17 -16.75 29.85
C ASP E 78 -28.30 -15.74 29.93
N LYS E 79 -29.48 -16.19 30.36
CA LYS E 79 -30.64 -15.32 30.50
C LYS E 79 -30.98 -15.07 31.96
N LEU E 80 -31.68 -13.97 32.21
CA LEU E 80 -32.15 -13.65 33.56
C LEU E 80 -33.29 -12.65 33.50
N THR E 81 -34.51 -13.11 33.76
CA THR E 81 -35.67 -12.25 33.80
C THR E 81 -36.28 -12.22 35.19
N LEU E 82 -36.50 -11.02 35.72
CA LEU E 82 -37.07 -10.85 37.06
C LEU E 82 -38.16 -9.79 37.09
N CYS E 83 -39.34 -10.18 37.57
CA CYS E 83 -40.44 -9.23 37.72
C CYS E 83 -40.50 -8.69 39.14
N MET E 84 -40.68 -7.38 39.26
CA MET E 84 -40.74 -6.70 40.55
C MET E 84 -41.98 -5.83 40.67
N CYS E 85 -42.46 -5.64 41.88
CA CYS E 85 -43.56 -4.72 42.12
C CYS E 85 -43.02 -3.36 42.55
N PRO E 86 -43.49 -2.30 41.90
CA PRO E 86 -43.05 -0.94 42.23
C PRO E 86 -43.80 -0.35 43.42
N GLU E 87 -43.18 0.61 44.10
CA GLU E 87 -43.83 1.31 45.20
C GLU E 87 -44.94 2.21 44.67
N ARG E 88 -44.56 3.17 43.83
CA ARG E 88 -45.51 4.07 43.20
C ARG E 88 -46.17 3.36 42.02
N PRO E 89 -47.43 3.72 41.72
CA PRO E 89 -48.21 3.00 40.70
C PRO E 89 -47.72 3.24 39.27
N PHE E 90 -48.13 2.36 38.36
CA PHE E 90 -47.85 2.53 36.94
C PHE E 90 -48.66 3.70 36.37
N THR E 91 -48.26 4.18 35.21
CA THR E 91 -49.10 5.10 34.46
C THR E 91 -50.08 4.27 33.63
N ALA E 92 -51.20 4.86 33.25
CA ALA E 92 -52.22 4.14 32.49
C ALA E 92 -51.68 3.59 31.18
N LYS E 93 -50.80 4.35 30.54
CA LYS E 93 -50.23 3.96 29.26
C LYS E 93 -49.20 2.85 29.42
N ALA E 94 -48.34 2.97 30.42
CA ALA E 94 -47.29 1.98 30.65
C ALA E 94 -47.89 0.62 30.98
N SER E 95 -48.90 0.61 31.83
CA SER E 95 -49.56 -0.63 32.23
C SER E 95 -50.21 -1.33 31.04
N GLU E 96 -50.60 -0.55 30.03
CA GLU E 96 -51.24 -1.12 28.85
C GLU E 96 -50.24 -1.74 27.88
N ILE E 97 -49.09 -1.09 27.71
CA ILE E 97 -48.10 -1.56 26.74
C ILE E 97 -47.14 -2.60 27.31
N THR E 98 -47.05 -2.66 28.64
CA THR E 98 -46.17 -3.64 29.28
C THR E 98 -46.96 -4.89 29.69
N GLY E 99 -48.29 -4.75 29.75
CA GLY E 99 -49.15 -5.83 30.17
C GLY E 99 -48.98 -6.14 31.64
N LEU E 100 -48.36 -5.22 32.36
CA LEU E 100 -48.11 -5.39 33.78
C LEU E 100 -49.00 -4.47 34.62
N SER E 101 -49.08 -4.76 35.91
CA SER E 101 -49.88 -3.96 36.82
C SER E 101 -49.27 -4.00 38.21
N SER E 102 -49.51 -2.95 38.99
CA SER E 102 -48.98 -2.86 40.35
C SER E 102 -49.66 -3.88 41.26
N GLU E 103 -50.76 -4.45 40.78
CA GLU E 103 -51.56 -5.37 41.57
C GLU E 103 -51.40 -6.81 41.10
N SER E 104 -51.15 -6.98 39.80
CA SER E 104 -50.95 -8.31 39.23
C SER E 104 -49.58 -8.86 39.61
N LEU E 105 -48.63 -7.95 39.84
CA LEU E 105 -47.30 -8.32 40.29
C LEU E 105 -47.33 -8.72 41.75
N MET E 106 -48.31 -8.19 42.48
CA MET E 106 -48.53 -8.58 43.86
C MET E 106 -49.26 -9.92 43.94
N HIS E 107 -50.22 -10.12 43.04
CA HIS E 107 -51.00 -11.34 43.00
C HIS E 107 -50.15 -12.55 42.63
N CYS E 108 -49.04 -12.30 41.95
CA CYS E 108 -48.10 -13.35 41.61
C CYS E 108 -46.95 -13.41 42.63
N GLY E 109 -47.13 -12.67 43.73
CA GLY E 109 -46.22 -12.73 44.85
C GLY E 109 -44.82 -12.24 44.54
N LYS E 110 -44.71 -11.20 43.74
CA LYS E 110 -43.41 -10.64 43.42
C LYS E 110 -43.11 -9.45 44.31
N ALA E 111 -42.02 -9.54 45.07
CA ALA E 111 -41.59 -8.45 45.94
C ALA E 111 -41.05 -7.28 45.12
N GLY E 112 -40.74 -6.18 45.79
CA GLY E 112 -40.18 -5.02 45.14
C GLY E 112 -38.69 -5.18 44.88
N PHE E 113 -38.08 -4.13 44.34
CA PHE E 113 -36.64 -4.14 44.09
C PHE E 113 -35.90 -4.19 45.42
N ASN E 114 -35.41 -5.38 45.78
CA ASN E 114 -34.77 -5.59 47.08
C ASN E 114 -33.39 -6.21 46.96
N GLY E 115 -32.95 -6.85 48.05
CA GLY E 115 -31.64 -7.45 48.11
C GLY E 115 -31.52 -8.72 47.30
N ALA E 116 -32.60 -9.49 47.26
CA ALA E 116 -32.62 -10.74 46.49
C ALA E 116 -32.45 -10.44 45.00
N VAL E 117 -32.98 -9.30 44.57
CA VAL E 117 -32.78 -8.84 43.20
C VAL E 117 -31.31 -8.53 42.97
N VAL E 118 -30.70 -7.85 43.93
CA VAL E 118 -29.30 -7.45 43.84
C VAL E 118 -28.37 -8.66 43.85
N ARG E 119 -28.64 -9.60 44.74
CA ARG E 119 -27.83 -10.81 44.84
C ARG E 119 -27.93 -11.64 43.56
N THR E 120 -29.15 -11.76 43.04
CA THR E 120 -29.39 -12.51 41.81
C THR E 120 -28.70 -11.82 40.62
N LEU E 121 -28.73 -10.50 40.63
CA LEU E 121 -28.10 -9.72 39.57
C LEU E 121 -26.57 -9.79 39.63
N GLN E 122 -26.02 -9.49 40.81
CA GLN E 122 -24.58 -9.53 41.02
C GLN E 122 -24.01 -10.94 40.80
N GLY E 123 -24.76 -11.93 41.25
CA GLY E 123 -24.36 -13.31 41.07
C GLY E 123 -24.36 -13.72 39.61
N PHE E 124 -25.28 -13.13 38.86
CA PHE E 124 -25.40 -13.41 37.43
C PHE E 124 -24.26 -12.76 36.63
N LEU E 125 -23.81 -11.60 37.10
CA LEU E 125 -22.73 -10.88 36.42
C LEU E 125 -21.38 -11.54 36.67
N SER E 126 -21.20 -12.10 37.87
CA SER E 126 -19.98 -12.79 38.23
C SER E 126 -19.86 -14.09 37.46
N ARG E 127 -20.99 -14.54 36.92
CA ARG E 127 -21.05 -15.74 36.11
C ARG E 127 -20.58 -15.48 34.68
N GLN E 128 -20.30 -14.21 34.39
CA GLN E 128 -19.84 -13.80 33.06
C GLN E 128 -18.40 -13.31 33.10
N GLU E 129 -17.63 -13.63 32.07
CA GLU E 129 -16.23 -13.26 32.00
C GLU E 129 -16.06 -11.75 31.86
N GLY E 130 -15.46 -11.13 32.88
CA GLY E 130 -15.17 -9.71 32.84
C GLY E 130 -14.05 -9.40 31.88
N PRO E 131 -13.97 -8.15 31.39
CA PRO E 131 -14.89 -7.04 31.70
C PRO E 131 -16.24 -7.18 31.00
N ILE E 132 -17.27 -6.64 31.64
CA ILE E 132 -18.63 -6.74 31.12
C ILE E 132 -19.08 -5.45 30.45
N CYS E 133 -19.79 -5.56 29.34
CA CYS E 133 -20.34 -4.39 28.66
C CYS E 133 -21.87 -4.43 28.64
N LEU E 134 -22.49 -3.50 29.35
CA LEU E 134 -23.94 -3.38 29.34
C LEU E 134 -24.41 -2.79 28.01
N VAL E 135 -25.46 -3.39 27.44
CA VAL E 135 -25.98 -2.92 26.16
C VAL E 135 -27.49 -2.69 26.23
N ALA E 136 -27.91 -1.46 25.99
CA ALA E 136 -29.33 -1.11 26.01
C ALA E 136 -29.67 -0.04 24.99
N HIS E 137 -30.69 -0.30 24.17
CA HIS E 137 -31.15 0.67 23.18
C HIS E 137 -31.71 1.91 23.87
N ASN E 138 -31.13 3.07 23.57
CA ASN E 138 -31.44 4.32 24.24
C ASN E 138 -31.20 4.20 25.74
N GLY E 139 -30.10 3.55 26.09
CA GLY E 139 -29.77 3.30 27.49
C GLY E 139 -29.18 4.50 28.22
N PHE E 140 -28.46 5.36 27.49
CA PHE E 140 -27.83 6.52 28.11
C PHE E 140 -28.85 7.51 28.66
N ASP E 141 -30.07 7.47 28.12
CA ASP E 141 -31.11 8.39 28.53
C ASP E 141 -32.19 7.73 29.38
N TYR E 142 -32.27 6.40 29.34
CA TYR E 142 -33.33 5.71 30.05
C TYR E 142 -32.86 4.60 30.98
N ASP E 143 -32.47 3.47 30.39
CA ASP E 143 -32.21 2.25 31.16
C ASP E 143 -31.09 2.38 32.18
N PHE E 144 -29.90 2.77 31.71
CA PHE E 144 -28.72 2.81 32.58
C PHE E 144 -28.86 3.74 33.80
N PRO E 145 -29.43 4.96 33.61
CA PRO E 145 -29.61 5.75 34.83
C PRO E 145 -30.72 5.20 35.73
N LEU E 146 -31.77 4.64 35.14
CA LEU E 146 -32.86 4.06 35.91
C LEU E 146 -32.36 2.87 36.72
N LEU E 147 -31.52 2.04 36.11
CA LEU E 147 -30.89 0.93 36.81
C LEU E 147 -29.97 1.46 37.90
N CYS E 148 -29.29 2.57 37.61
CA CYS E 148 -28.38 3.19 38.55
C CYS E 148 -29.10 3.66 39.81
N THR E 149 -30.30 4.22 39.63
CA THR E 149 -31.11 4.68 40.75
C THR E 149 -31.44 3.55 41.71
N GLU E 150 -31.82 2.40 41.17
CA GLU E 150 -32.24 1.26 41.97
C GLU E 150 -31.07 0.65 42.75
N LEU E 151 -29.92 0.56 42.10
CA LEU E 151 -28.73 -0.02 42.73
C LEU E 151 -28.15 0.92 43.77
N GLN E 152 -28.14 2.22 43.47
CA GLN E 152 -27.64 3.23 44.40
C GLN E 152 -28.55 3.32 45.61
N ARG E 153 -29.84 3.06 45.40
CA ARG E 153 -30.83 3.07 46.47
C ARG E 153 -30.50 2.05 47.56
N LEU E 154 -29.94 0.91 47.15
CA LEU E 154 -29.57 -0.13 48.10
C LEU E 154 -28.06 -0.22 48.29
N GLY E 155 -27.34 0.74 47.71
CA GLY E 155 -25.89 0.78 47.84
C GLY E 155 -25.20 -0.36 47.11
N ALA E 156 -25.86 -0.86 46.07
CA ALA E 156 -25.32 -1.96 45.27
C ALA E 156 -24.30 -1.46 44.27
N HIS E 157 -23.23 -2.24 44.08
CA HIS E 157 -22.18 -1.89 43.13
C HIS E 157 -21.95 -2.98 42.10
N LEU E 158 -21.68 -2.57 40.86
CA LEU E 158 -21.34 -3.49 39.80
C LEU E 158 -19.85 -3.82 39.85
N PRO E 159 -19.46 -5.02 39.37
CA PRO E 159 -18.05 -5.43 39.42
C PRO E 159 -17.12 -4.49 38.68
N GLN E 160 -16.15 -3.93 39.40
CA GLN E 160 -15.20 -2.97 38.85
C GLN E 160 -14.24 -3.66 37.86
N ASP E 161 -14.26 -3.21 36.61
CA ASP E 161 -15.13 -2.13 36.18
C ASP E 161 -15.81 -2.46 34.85
N THR E 162 -17.13 -2.44 34.85
CA THR E 162 -17.92 -2.72 33.65
C THR E 162 -18.15 -1.45 32.85
N VAL E 163 -18.72 -1.60 31.66
CA VAL E 163 -18.96 -0.47 30.77
C VAL E 163 -20.36 -0.50 30.17
N CYS E 164 -20.73 0.58 29.49
CA CYS E 164 -22.06 0.70 28.89
C CYS E 164 -22.01 1.02 27.40
N LEU E 165 -22.84 0.34 26.62
CA LEU E 165 -22.93 0.59 25.19
C LEU E 165 -24.36 0.85 24.75
N ASP E 166 -24.70 2.13 24.56
CA ASP E 166 -25.99 2.50 24.01
C ASP E 166 -25.94 2.32 22.49
N THR E 167 -26.88 1.53 21.97
CA THR E 167 -26.90 1.24 20.53
C THR E 167 -27.60 2.32 19.73
N LEU E 168 -28.13 3.34 20.42
CA LEU E 168 -28.82 4.42 19.73
C LEU E 168 -27.84 5.43 19.12
N PRO E 169 -26.87 5.94 19.92
CA PRO E 169 -25.91 6.84 19.25
C PRO E 169 -24.91 6.06 18.41
N ALA E 170 -24.73 4.78 18.72
CA ALA E 170 -23.77 3.95 18.00
C ALA E 170 -24.19 3.76 16.55
N LEU E 171 -25.40 3.26 16.34
CA LEU E 171 -25.90 3.01 14.99
C LEU E 171 -26.12 4.32 14.22
N ARG E 172 -26.24 5.42 14.94
CA ARG E 172 -26.36 6.74 14.30
C ARG E 172 -25.01 7.22 13.79
N GLY E 173 -24.00 7.11 14.64
CA GLY E 173 -22.65 7.51 14.27
C GLY E 173 -22.07 6.70 13.13
N LEU E 174 -22.26 5.38 13.19
CA LEU E 174 -21.73 4.48 12.17
C LEU E 174 -22.37 4.73 10.80
N ASP E 175 -23.69 4.91 10.78
CA ASP E 175 -24.40 5.20 9.54
C ASP E 175 -24.00 6.56 8.99
N ARG E 176 -23.67 7.48 9.89
CA ARG E 176 -23.28 8.83 9.53
C ARG E 176 -21.82 8.87 9.09
N ALA E 177 -21.07 7.81 9.40
CA ALA E 177 -19.67 7.72 9.04
C ALA E 177 -19.48 7.18 7.63
N HIS E 178 -20.47 6.44 7.14
CA HIS E 178 -20.42 5.85 5.81
C HIS E 178 -20.83 6.86 4.73
N SER E 179 -21.29 8.03 5.17
CA SER E 179 -21.75 9.09 4.28
C SER E 179 -20.71 9.43 3.21
N ARG E 187 -33.23 10.92 6.69
CA ARG E 187 -33.61 11.04 8.09
C ARG E 187 -34.26 9.76 8.58
N LYS E 188 -33.46 8.70 8.70
CA LYS E 188 -33.96 7.40 9.10
C LYS E 188 -34.43 7.38 10.55
N SER E 189 -35.29 6.41 10.86
CA SER E 189 -35.74 6.20 12.23
C SER E 189 -34.80 5.23 12.94
N TYR E 190 -34.43 5.54 14.17
CA TYR E 190 -33.55 4.68 14.94
C TYR E 190 -34.24 4.12 16.17
N SER E 191 -35.54 3.89 16.05
CA SER E 191 -36.30 3.19 17.09
C SER E 191 -35.97 1.70 17.01
N LEU E 192 -36.14 1.00 18.13
CA LEU E 192 -35.90 -0.44 18.15
C LEU E 192 -36.79 -1.14 17.13
N ALA E 193 -38.04 -0.70 17.05
CA ALA E 193 -39.01 -1.30 16.14
C ALA E 193 -38.66 -1.02 14.68
N SER E 194 -38.26 0.20 14.37
CA SER E 194 -37.94 0.57 13.00
C SER E 194 -36.64 -0.09 12.55
N LEU E 195 -35.66 -0.17 13.45
CA LEU E 195 -34.38 -0.80 13.15
C LEU E 195 -34.55 -2.27 12.78
N PHE E 196 -35.35 -2.98 13.58
CA PHE E 196 -35.56 -4.40 13.36
C PHE E 196 -36.31 -4.67 12.05
N HIS E 197 -37.19 -3.74 11.67
CA HIS E 197 -38.03 -3.93 10.49
C HIS E 197 -37.23 -3.88 9.20
N ARG E 198 -36.34 -2.90 9.08
CA ARG E 198 -35.60 -2.72 7.83
C ARG E 198 -34.28 -3.48 7.82
N TYR E 199 -33.94 -4.14 8.92
CA TYR E 199 -32.76 -4.99 8.97
C TYR E 199 -33.09 -6.45 8.72
N PHE E 200 -34.35 -6.83 8.98
CA PHE E 200 -34.72 -8.23 8.98
C PHE E 200 -35.95 -8.56 8.12
N GLN E 201 -36.60 -7.52 7.59
CA GLN E 201 -37.74 -7.70 6.69
C GLN E 201 -38.85 -8.53 7.35
N ALA E 202 -39.02 -8.34 8.66
CA ALA E 202 -40.00 -9.13 9.39
C ALA E 202 -40.50 -8.39 10.64
N GLU E 203 -41.48 -8.97 11.30
CA GLU E 203 -42.04 -8.38 12.51
C GLU E 203 -41.46 -9.04 13.76
N PRO E 204 -41.14 -8.24 14.78
CA PRO E 204 -40.62 -8.75 16.06
C PRO E 204 -41.69 -9.46 16.89
N SER E 205 -41.42 -10.69 17.29
CA SER E 205 -42.35 -11.48 18.09
C SER E 205 -42.32 -11.07 19.55
N ALA E 206 -43.47 -11.17 20.22
CA ALA E 206 -43.62 -10.79 21.62
C ALA E 206 -43.13 -9.36 21.87
N ALA E 207 -43.87 -8.40 21.32
CA ALA E 207 -43.47 -7.00 21.40
C ALA E 207 -43.64 -6.42 22.81
N HIS E 208 -42.80 -5.45 23.14
CA HIS E 208 -42.88 -4.69 24.39
C HIS E 208 -42.77 -5.55 25.65
N SER E 209 -42.21 -6.75 25.51
CA SER E 209 -41.90 -7.60 26.66
C SER E 209 -40.42 -7.44 26.98
N ALA E 210 -40.09 -7.41 28.28
CA ALA E 210 -38.70 -7.17 28.70
C ALA E 210 -37.74 -8.21 28.11
N GLU E 211 -38.21 -9.44 27.97
CA GLU E 211 -37.40 -10.49 27.38
C GLU E 211 -37.43 -10.41 25.86
N GLY E 212 -38.58 -10.03 25.32
CA GLY E 212 -38.75 -9.95 23.88
C GLY E 212 -37.92 -8.86 23.24
N ASP E 213 -37.76 -7.75 23.95
CA ASP E 213 -37.03 -6.60 23.43
C ASP E 213 -35.52 -6.81 23.43
N VAL E 214 -35.01 -7.48 24.47
CA VAL E 214 -33.61 -7.84 24.52
C VAL E 214 -33.30 -8.79 23.37
N HIS E 215 -34.25 -9.66 23.08
CA HIS E 215 -34.14 -10.60 21.96
C HIS E 215 -34.01 -9.87 20.64
N THR E 216 -34.85 -8.86 20.44
CA THR E 216 -34.81 -8.07 19.21
C THR E 216 -33.55 -7.20 19.17
N LEU E 217 -33.12 -6.73 20.34
CA LEU E 217 -31.89 -5.94 20.42
C LEU E 217 -30.67 -6.80 20.09
N LEU E 218 -30.68 -8.04 20.54
CA LEU E 218 -29.57 -8.95 20.29
C LEU E 218 -29.48 -9.31 18.81
N LEU E 219 -30.62 -9.37 18.14
CA LEU E 219 -30.65 -9.63 16.70
C LEU E 219 -30.11 -8.44 15.93
N ILE E 220 -30.56 -7.25 16.31
CA ILE E 220 -30.08 -6.00 15.71
C ILE E 220 -28.57 -5.87 15.89
N PHE E 221 -28.09 -6.28 17.05
CA PHE E 221 -26.66 -6.18 17.36
C PHE E 221 -25.84 -7.12 16.47
N LEU E 222 -26.32 -8.34 16.31
CA LEU E 222 -25.63 -9.34 15.49
C LEU E 222 -25.54 -8.91 14.03
N HIS E 223 -26.58 -8.24 13.55
CA HIS E 223 -26.63 -7.77 12.17
C HIS E 223 -25.54 -6.74 11.89
N ARG E 224 -25.14 -6.01 12.92
CA ARG E 224 -24.09 -5.01 12.81
C ARG E 224 -22.98 -5.31 13.81
N ALA E 225 -22.65 -6.59 13.96
CA ALA E 225 -21.73 -7.05 15.00
C ALA E 225 -20.31 -6.49 14.89
N PRO E 226 -19.64 -6.65 13.73
CA PRO E 226 -18.24 -6.19 13.70
C PRO E 226 -18.12 -4.68 13.94
N GLU E 227 -19.11 -3.94 13.44
CA GLU E 227 -19.15 -2.49 13.58
C GLU E 227 -19.39 -2.07 15.02
N LEU E 228 -20.43 -2.66 15.62
CA LEU E 228 -20.83 -2.30 16.99
C LEU E 228 -19.80 -2.75 18.02
N LEU E 229 -19.17 -3.90 17.78
CA LEU E 229 -18.09 -4.38 18.65
C LEU E 229 -16.94 -3.39 18.63
N ALA E 230 -16.64 -2.85 17.46
CA ALA E 230 -15.59 -1.85 17.31
C ALA E 230 -15.96 -0.55 18.01
N TRP E 231 -17.22 -0.14 17.86
CA TRP E 231 -17.72 1.07 18.51
C TRP E 231 -17.71 0.90 20.02
N ALA E 232 -17.95 -0.33 20.48
CA ALA E 232 -17.94 -0.63 21.90
C ALA E 232 -16.54 -0.48 22.47
N ASP E 233 -15.57 -1.09 21.81
CA ASP E 233 -14.19 -1.07 22.26
C ASP E 233 -13.62 0.35 22.32
N GLU E 234 -14.01 1.19 21.37
CA GLU E 234 -13.45 2.54 21.29
C GLU E 234 -14.20 3.56 22.13
N GLN E 235 -15.50 3.35 22.31
CA GLN E 235 -16.34 4.36 22.97
C GLN E 235 -17.29 3.78 24.00
N ALA E 236 -16.78 2.93 24.88
CA ALA E 236 -17.59 2.35 25.94
C ALA E 236 -17.69 3.31 27.13
N ARG E 237 -18.92 3.59 27.56
CA ARG E 237 -19.16 4.46 28.69
C ARG E 237 -19.06 3.67 30.00
N SER E 238 -18.19 4.12 30.90
CA SER E 238 -18.02 3.45 32.19
C SER E 238 -19.29 3.55 33.02
N TRP E 239 -19.60 2.48 33.76
CA TRP E 239 -20.81 2.43 34.56
C TRP E 239 -20.77 3.43 35.72
N ALA E 240 -19.58 3.70 36.22
CA ALA E 240 -19.41 4.64 37.32
C ALA E 240 -19.77 6.07 36.90
N HIS E 241 -19.54 6.38 35.63
CA HIS E 241 -19.84 7.70 35.09
C HIS E 241 -21.35 7.92 34.93
N ILE E 242 -22.10 6.83 34.94
CA ILE E 242 -23.55 6.91 34.79
C ILE E 242 -24.20 7.53 36.02
N GLU E 243 -24.84 8.67 35.82
CA GLU E 243 -25.51 9.38 36.90
C GLU E 243 -26.98 8.94 36.97
N PRO E 244 -27.49 8.72 38.19
CA PRO E 244 -28.89 8.29 38.37
C PRO E 244 -29.89 9.33 37.87
N MET E 245 -31.06 8.88 37.44
CA MET E 245 -32.12 9.76 36.96
C MET E 245 -32.60 10.68 38.08
N TYR E 246 -32.74 10.12 39.27
CA TYR E 246 -33.26 10.88 40.41
C TYR E 246 -32.74 10.29 41.72
N VAL E 247 -33.18 10.88 42.84
CA VAL E 247 -32.76 10.41 44.15
C VAL E 247 -33.96 10.01 45.00
N PRO E 248 -33.99 8.74 45.43
CA PRO E 248 -35.08 8.21 46.26
C PRO E 248 -35.00 8.65 47.72
N PRO F 25 -47.31 -29.95 51.19
CA PRO F 25 -47.95 -28.65 51.40
C PRO F 25 -48.62 -28.13 50.14
N ARG F 26 -49.08 -26.87 50.18
CA ARG F 26 -49.75 -26.26 49.04
C ARG F 26 -48.87 -25.16 48.45
N ALA F 27 -48.02 -25.53 47.50
CA ALA F 27 -47.04 -24.62 46.91
C ALA F 27 -47.70 -23.45 46.21
N GLU F 28 -47.02 -22.30 46.22
CA GLU F 28 -47.54 -21.10 45.58
C GLU F 28 -46.74 -20.72 44.33
N THR F 29 -45.54 -21.27 44.21
CA THR F 29 -44.71 -21.03 43.03
C THR F 29 -44.21 -22.35 42.43
N PHE F 30 -44.51 -22.55 41.16
CA PHE F 30 -44.06 -23.75 40.46
C PHE F 30 -42.91 -23.42 39.51
N VAL F 31 -41.70 -23.83 39.88
CA VAL F 31 -40.52 -23.58 39.07
C VAL F 31 -40.21 -24.76 38.15
N PHE F 32 -40.47 -24.58 36.86
CA PHE F 32 -40.19 -25.61 35.87
C PHE F 32 -38.73 -25.60 35.48
N LEU F 33 -38.09 -26.76 35.46
CA LEU F 33 -36.67 -26.83 35.19
C LEU F 33 -36.26 -27.99 34.28
N ASP F 34 -35.17 -27.78 33.55
CA ASP F 34 -34.58 -28.82 32.72
C ASP F 34 -33.06 -28.69 32.79
N LEU F 35 -32.36 -29.83 32.77
CA LEU F 35 -30.91 -29.83 32.81
C LEU F 35 -30.32 -30.42 31.54
N GLU F 36 -29.36 -29.69 30.95
CA GLU F 36 -28.56 -30.23 29.86
C GLU F 36 -27.26 -30.74 30.44
N ALA F 37 -27.00 -32.04 30.30
CA ALA F 37 -25.84 -32.65 30.93
C ALA F 37 -24.97 -33.41 29.94
N THR F 38 -23.90 -34.00 30.46
CA THR F 38 -22.93 -34.70 29.62
C THR F 38 -23.32 -36.15 29.35
N GLY F 39 -24.58 -36.50 29.66
CA GLY F 39 -25.08 -37.82 29.34
C GLY F 39 -26.03 -38.40 30.36
N LEU F 40 -26.02 -39.72 30.49
CA LEU F 40 -26.93 -40.43 31.37
C LEU F 40 -26.21 -40.86 32.66
N PRO F 41 -26.96 -41.16 33.73
CA PRO F 41 -26.42 -41.47 35.07
C PRO F 41 -25.24 -42.44 35.12
N ASN F 42 -25.18 -43.44 34.23
CA ASN F 42 -24.13 -44.45 34.28
C ASN F 42 -22.72 -43.88 34.17
N MET F 43 -22.62 -42.75 33.49
CA MET F 43 -21.35 -42.09 33.24
C MET F 43 -21.12 -41.00 34.29
N ASP F 44 -22.13 -40.76 35.11
CA ASP F 44 -22.12 -39.71 36.12
C ASP F 44 -21.99 -38.33 35.47
N PRO F 45 -23.09 -37.85 34.87
CA PRO F 45 -23.09 -36.58 34.12
C PRO F 45 -22.95 -35.36 35.02
N GLU F 46 -22.70 -34.21 34.40
CA GLU F 46 -22.64 -32.93 35.09
C GLU F 46 -23.50 -31.92 34.36
N ILE F 47 -24.17 -31.04 35.11
CA ILE F 47 -25.02 -30.03 34.50
C ILE F 47 -24.19 -29.07 33.65
N ALA F 48 -24.53 -28.99 32.37
CA ALA F 48 -23.86 -28.07 31.45
C ALA F 48 -24.71 -26.85 31.21
N GLU F 49 -26.02 -27.03 31.28
CA GLU F 49 -26.97 -25.93 31.14
C GLU F 49 -28.22 -26.18 31.96
N ILE F 50 -28.63 -25.18 32.74
CA ILE F 50 -29.86 -25.27 33.52
C ILE F 50 -30.80 -24.12 33.16
N SER F 51 -32.08 -24.45 32.96
CA SER F 51 -33.08 -23.44 32.66
C SER F 51 -34.26 -23.54 33.64
N LEU F 52 -34.67 -22.39 34.17
CA LEU F 52 -35.72 -22.35 35.18
C LEU F 52 -36.82 -21.35 34.84
N PHE F 53 -38.05 -21.84 34.68
CA PHE F 53 -39.20 -20.95 34.54
C PHE F 53 -39.96 -20.87 35.86
N ALA F 54 -40.04 -19.68 36.44
CA ALA F 54 -40.75 -19.48 37.69
C ALA F 54 -42.16 -18.98 37.46
N VAL F 55 -43.14 -19.86 37.63
CA VAL F 55 -44.54 -19.51 37.44
C VAL F 55 -45.31 -19.55 38.75
N HIS F 56 -46.03 -18.46 39.06
CA HIS F 56 -46.84 -18.43 40.27
C HIS F 56 -48.09 -19.29 40.09
N ARG F 57 -48.59 -19.82 41.20
CA ARG F 57 -49.72 -20.74 41.18
C ARG F 57 -50.95 -20.10 40.54
N SER F 58 -51.18 -18.84 40.85
CA SER F 58 -52.33 -18.10 40.33
C SER F 58 -52.44 -18.17 38.81
N SER F 59 -51.29 -18.16 38.13
CA SER F 59 -51.26 -18.25 36.69
C SER F 59 -51.76 -19.61 36.22
N LEU F 60 -51.27 -20.66 36.86
CA LEU F 60 -51.62 -22.02 36.47
C LEU F 60 -53.07 -22.38 36.78
N GLU F 61 -53.63 -21.74 37.81
CA GLU F 61 -54.98 -22.07 38.26
C GLU F 61 -56.05 -21.75 37.22
N ASN F 62 -55.81 -20.74 36.40
CA ASN F 62 -56.73 -20.41 35.32
C ASN F 62 -56.01 -19.78 34.12
N PRO F 63 -55.58 -20.64 33.17
CA PRO F 63 -54.94 -20.19 31.93
C PRO F 63 -55.96 -19.96 30.82
N GLU F 64 -55.91 -18.81 30.15
CA GLU F 64 -56.81 -18.55 29.04
C GLU F 64 -56.10 -18.78 27.71
N ARG F 65 -56.88 -18.90 26.65
CA ARG F 65 -56.32 -19.13 25.32
C ARG F 65 -56.79 -18.05 24.35
N ASP F 66 -55.88 -17.59 23.48
CA ASP F 66 -56.28 -16.74 22.37
C ASP F 66 -56.89 -17.62 21.26
N ASP F 67 -57.29 -17.02 20.14
CA ASP F 67 -57.95 -17.78 19.07
C ASP F 67 -56.95 -18.59 18.23
N SER F 68 -55.88 -17.93 17.82
CA SER F 68 -54.91 -18.50 16.90
C SER F 68 -53.93 -19.45 17.59
N GLY F 69 -53.09 -18.89 18.46
CA GLY F 69 -52.11 -19.66 19.20
C GLY F 69 -52.74 -20.63 20.17
N SER F 70 -53.93 -20.28 20.65
CA SER F 70 -54.77 -21.19 21.42
C SER F 70 -54.17 -21.59 22.77
N LEU F 71 -53.13 -20.89 23.21
CA LEU F 71 -52.55 -21.04 24.54
C LEU F 71 -51.44 -20.01 24.77
N VAL F 72 -51.56 -19.24 25.85
CA VAL F 72 -50.62 -18.16 26.11
C VAL F 72 -49.93 -18.31 27.47
N LEU F 73 -48.60 -18.20 27.47
CA LEU F 73 -47.82 -18.28 28.71
C LEU F 73 -48.10 -17.09 29.62
N PRO F 74 -47.99 -17.28 30.94
CA PRO F 74 -48.24 -16.21 31.91
C PRO F 74 -47.35 -14.98 31.71
N ARG F 75 -47.92 -13.81 31.91
CA ARG F 75 -47.18 -12.56 31.71
C ARG F 75 -46.10 -12.38 32.78
N VAL F 76 -46.41 -12.75 34.01
CA VAL F 76 -45.45 -12.65 35.09
C VAL F 76 -44.66 -13.95 35.21
N LEU F 77 -43.53 -14.01 34.52
CA LEU F 77 -42.71 -15.21 34.44
C LEU F 77 -41.23 -14.90 34.61
N ASP F 78 -40.62 -15.44 35.65
CA ASP F 78 -39.20 -15.23 35.91
C ASP F 78 -38.36 -16.34 35.31
N LYS F 79 -37.29 -15.96 34.61
CA LYS F 79 -36.42 -16.95 33.98
C LYS F 79 -34.97 -16.84 34.47
N LEU F 80 -34.30 -17.98 34.50
CA LEU F 80 -32.87 -18.03 34.79
C LEU F 80 -32.23 -19.17 34.02
N THR F 81 -31.34 -18.82 33.08
CA THR F 81 -30.61 -19.83 32.31
C THR F 81 -29.11 -19.62 32.48
N LEU F 82 -28.41 -20.67 32.87
CA LEU F 82 -26.96 -20.59 33.05
C LEU F 82 -26.25 -21.75 32.36
N CYS F 83 -25.20 -21.41 31.60
CA CYS F 83 -24.37 -22.42 30.97
C CYS F 83 -23.13 -22.66 31.82
N MET F 84 -22.67 -23.90 31.86
CA MET F 84 -21.51 -24.26 32.69
C MET F 84 -20.63 -25.28 32.00
N CYS F 85 -19.32 -25.13 32.19
CA CYS F 85 -18.35 -26.08 31.64
C CYS F 85 -18.02 -27.15 32.67
N PRO F 86 -18.41 -28.39 32.40
CA PRO F 86 -18.14 -29.51 33.31
C PRO F 86 -16.66 -29.90 33.32
N GLU F 87 -16.23 -30.61 34.37
CA GLU F 87 -14.85 -31.05 34.45
C GLU F 87 -14.60 -32.23 33.51
N ARG F 88 -15.41 -33.28 33.66
CA ARG F 88 -15.33 -34.43 32.76
C ARG F 88 -16.07 -34.13 31.45
N PRO F 89 -15.58 -34.71 30.34
CA PRO F 89 -16.12 -34.37 29.02
C PRO F 89 -17.51 -34.95 28.75
N PHE F 90 -18.14 -34.44 27.70
CA PHE F 90 -19.44 -34.95 27.25
C PHE F 90 -19.28 -36.33 26.63
N THR F 91 -20.42 -36.92 26.26
CA THR F 91 -20.40 -38.10 25.41
C THR F 91 -20.73 -37.65 24.00
N ALA F 92 -20.45 -38.50 23.02
CA ALA F 92 -20.72 -38.18 21.62
C ALA F 92 -22.19 -37.84 21.42
N LYS F 93 -23.06 -38.66 22.01
CA LYS F 93 -24.50 -38.45 21.90
C LYS F 93 -24.94 -37.15 22.56
N ALA F 94 -24.42 -36.91 23.76
CA ALA F 94 -24.79 -35.72 24.52
C ALA F 94 -24.31 -34.45 23.86
N SER F 95 -23.06 -34.47 23.39
CA SER F 95 -22.47 -33.29 22.74
C SER F 95 -23.28 -32.88 21.51
N GLU F 96 -23.80 -33.86 20.79
CA GLU F 96 -24.59 -33.61 19.59
C GLU F 96 -25.96 -32.99 19.90
N ILE F 97 -26.70 -33.65 20.79
CA ILE F 97 -28.09 -33.27 21.04
C ILE F 97 -28.23 -31.99 21.86
N THR F 98 -27.18 -31.63 22.58
CA THR F 98 -27.21 -30.40 23.37
C THR F 98 -26.64 -29.22 22.59
N GLY F 99 -25.81 -29.53 21.59
CA GLY F 99 -25.14 -28.49 20.83
C GLY F 99 -24.08 -27.81 21.67
N LEU F 100 -23.66 -28.49 22.73
CA LEU F 100 -22.64 -27.97 23.62
C LEU F 100 -21.41 -28.87 23.63
N SER F 101 -20.28 -28.32 24.04
CA SER F 101 -19.05 -29.10 24.14
C SER F 101 -18.14 -28.53 25.21
N SER F 102 -17.15 -29.30 25.61
CA SER F 102 -16.15 -28.84 26.57
C SER F 102 -15.43 -27.62 26.00
N GLU F 103 -15.26 -27.62 24.67
CA GLU F 103 -14.60 -26.53 23.97
C GLU F 103 -15.42 -25.25 24.02
N SER F 104 -16.61 -25.28 23.42
CA SER F 104 -17.43 -24.10 23.23
C SER F 104 -17.81 -23.43 24.56
N LEU F 105 -18.03 -24.24 25.59
CA LEU F 105 -18.39 -23.71 26.90
C LEU F 105 -17.20 -23.02 27.56
N MET F 106 -16.03 -23.64 27.42
CA MET F 106 -14.81 -23.06 27.97
C MET F 106 -14.40 -21.85 27.14
N HIS F 107 -14.77 -21.87 25.86
CA HIS F 107 -14.41 -20.81 24.93
C HIS F 107 -15.18 -19.52 25.22
N CYS F 108 -16.39 -19.64 25.74
CA CYS F 108 -17.22 -18.48 26.05
C CYS F 108 -16.99 -18.00 27.48
N GLY F 109 -15.93 -18.49 28.12
CA GLY F 109 -15.57 -18.06 29.46
C GLY F 109 -16.51 -18.53 30.55
N LYS F 110 -17.21 -19.63 30.29
CA LYS F 110 -18.09 -20.21 31.30
C LYS F 110 -17.32 -21.19 32.19
N ALA F 111 -17.34 -20.93 33.50
CA ALA F 111 -16.66 -21.79 34.45
C ALA F 111 -17.50 -23.00 34.83
N GLY F 112 -17.08 -23.71 35.87
CA GLY F 112 -17.79 -24.89 36.32
C GLY F 112 -18.89 -24.56 37.32
N PHE F 113 -19.64 -25.57 37.73
CA PHE F 113 -20.69 -25.39 38.72
C PHE F 113 -20.08 -24.92 40.04
N ASN F 114 -20.18 -23.63 40.32
CA ASN F 114 -19.57 -23.06 41.51
C ASN F 114 -20.55 -22.27 42.38
N GLY F 115 -20.01 -21.51 43.32
CA GLY F 115 -20.81 -20.72 44.23
C GLY F 115 -21.61 -19.63 43.54
N ALA F 116 -21.12 -19.21 42.38
CA ALA F 116 -21.82 -18.21 41.57
C ALA F 116 -23.16 -18.75 41.12
N VAL F 117 -23.17 -20.00 40.66
CA VAL F 117 -24.40 -20.68 40.27
C VAL F 117 -25.34 -20.80 41.46
N VAL F 118 -24.79 -21.18 42.60
CA VAL F 118 -25.56 -21.37 43.83
C VAL F 118 -26.18 -20.05 44.31
N ARG F 119 -25.36 -19.00 44.36
CA ARG F 119 -25.83 -17.69 44.79
C ARG F 119 -26.88 -17.12 43.84
N THR F 120 -26.72 -17.40 42.55
CA THR F 120 -27.67 -16.95 41.55
C THR F 120 -28.97 -17.75 41.65
N LEU F 121 -28.84 -19.06 41.82
CA LEU F 121 -29.99 -19.95 41.93
C LEU F 121 -30.80 -19.68 43.20
N GLN F 122 -30.11 -19.59 44.33
CA GLN F 122 -30.77 -19.29 45.60
C GLN F 122 -31.40 -17.89 45.59
N GLY F 123 -30.73 -16.95 44.92
CA GLY F 123 -31.24 -15.61 44.79
C GLY F 123 -32.49 -15.57 43.92
N PHE F 124 -32.44 -16.32 42.82
CA PHE F 124 -33.56 -16.39 41.90
C PHE F 124 -34.80 -17.00 42.57
N LEU F 125 -34.58 -18.03 43.38
CA LEU F 125 -35.68 -18.72 44.05
C LEU F 125 -36.25 -17.90 45.20
N SER F 126 -35.41 -17.11 45.86
CA SER F 126 -35.84 -16.26 46.95
C SER F 126 -36.79 -15.17 46.45
N ARG F 127 -36.76 -14.94 45.14
CA ARG F 127 -37.65 -13.97 44.51
C ARG F 127 -39.05 -14.53 44.31
N GLN F 128 -39.23 -15.81 44.68
CA GLN F 128 -40.52 -16.48 44.49
C GLN F 128 -41.27 -16.62 45.81
N GLU F 129 -42.59 -16.70 45.71
CA GLU F 129 -43.43 -16.92 46.89
C GLU F 129 -43.48 -18.40 47.24
N GLY F 130 -42.99 -18.74 48.43
CA GLY F 130 -42.96 -20.11 48.88
C GLY F 130 -44.35 -20.63 49.22
N PRO F 131 -44.50 -21.96 49.30
CA PRO F 131 -43.44 -22.95 49.04
C PRO F 131 -43.15 -23.12 47.55
N ILE F 132 -41.91 -23.44 47.22
CA ILE F 132 -41.51 -23.63 45.83
C ILE F 132 -41.62 -25.09 45.41
N CYS F 133 -42.31 -25.34 44.30
CA CYS F 133 -42.41 -26.70 43.76
C CYS F 133 -41.68 -26.83 42.43
N LEU F 134 -40.50 -27.45 42.47
CA LEU F 134 -39.73 -27.72 41.26
C LEU F 134 -40.46 -28.72 40.38
N VAL F 135 -40.49 -28.46 39.07
CA VAL F 135 -41.12 -29.39 38.14
C VAL F 135 -40.17 -29.76 37.00
N ALA F 136 -40.01 -31.06 36.79
CA ALA F 136 -39.17 -31.58 35.72
C ALA F 136 -39.73 -32.89 35.21
N HIS F 137 -39.78 -33.06 33.89
CA HIS F 137 -40.28 -34.30 33.30
C HIS F 137 -39.28 -35.42 33.53
N ASN F 138 -39.73 -36.49 34.18
CA ASN F 138 -38.87 -37.58 34.63
C ASN F 138 -37.76 -37.06 35.53
N GLY F 139 -38.12 -36.15 36.42
CA GLY F 139 -37.16 -35.53 37.33
C GLY F 139 -36.68 -36.46 38.44
N PHE F 140 -37.53 -37.41 38.83
CA PHE F 140 -37.18 -38.34 39.90
C PHE F 140 -35.99 -39.22 39.52
N ASP F 141 -35.86 -39.51 38.22
CA ASP F 141 -34.84 -40.43 37.75
C ASP F 141 -33.61 -39.71 37.20
N TYR F 142 -33.71 -38.41 36.97
CA TYR F 142 -32.61 -37.69 36.33
C TYR F 142 -32.34 -36.30 36.90
N ASP F 143 -33.23 -35.36 36.60
CA ASP F 143 -32.99 -33.94 36.89
C ASP F 143 -32.73 -33.65 38.37
N PHE F 144 -33.57 -34.21 39.25
CA PHE F 144 -33.44 -33.95 40.68
C PHE F 144 -32.21 -34.61 41.31
N PRO F 145 -31.95 -35.90 41.03
CA PRO F 145 -30.73 -36.46 41.62
C PRO F 145 -29.46 -35.76 41.10
N LEU F 146 -29.48 -35.37 39.83
CA LEU F 146 -28.35 -34.69 39.23
C LEU F 146 -28.07 -33.35 39.90
N LEU F 147 -29.13 -32.57 40.15
CA LEU F 147 -28.97 -31.26 40.77
C LEU F 147 -28.54 -31.42 42.23
N CYS F 148 -29.12 -32.41 42.90
CA CYS F 148 -28.75 -32.72 44.28
C CYS F 148 -27.27 -33.07 44.37
N THR F 149 -26.79 -33.88 43.42
CA THR F 149 -25.38 -34.25 43.39
C THR F 149 -24.49 -33.02 43.22
N GLU F 150 -24.91 -32.10 42.35
CA GLU F 150 -24.15 -30.88 42.10
C GLU F 150 -24.14 -29.96 43.31
N LEU F 151 -25.29 -29.82 43.96
CA LEU F 151 -25.41 -28.95 45.12
C LEU F 151 -24.68 -29.50 46.33
N GLN F 152 -24.70 -30.81 46.49
CA GLN F 152 -24.05 -31.46 47.63
C GLN F 152 -22.53 -31.40 47.53
N ARG F 153 -22.03 -31.15 46.33
CA ARG F 153 -20.60 -31.02 46.12
C ARG F 153 -20.06 -29.77 46.81
N LEU F 154 -20.88 -28.73 46.88
CA LEU F 154 -20.46 -27.46 47.45
C LEU F 154 -21.04 -27.26 48.85
N GLY F 155 -21.88 -28.19 49.28
CA GLY F 155 -22.52 -28.12 50.58
C GLY F 155 -23.74 -27.21 50.56
N ALA F 156 -24.11 -26.77 49.37
CA ALA F 156 -25.24 -25.86 49.21
C ALA F 156 -26.56 -26.56 49.48
N HIS F 157 -27.55 -25.80 49.95
CA HIS F 157 -28.87 -26.34 50.25
C HIS F 157 -29.96 -25.47 49.66
N LEU F 158 -31.02 -26.10 49.15
CA LEU F 158 -32.22 -25.38 48.77
C LEU F 158 -33.13 -25.29 50.00
N PRO F 159 -34.02 -24.29 50.04
CA PRO F 159 -34.95 -24.11 51.17
C PRO F 159 -35.66 -25.41 51.56
N GLN F 160 -35.86 -25.61 52.87
CA GLN F 160 -36.43 -26.86 53.38
C GLN F 160 -37.85 -27.11 52.89
N ASP F 161 -38.61 -26.04 52.69
CA ASP F 161 -40.01 -26.16 52.32
C ASP F 161 -40.20 -26.46 50.83
N THR F 162 -39.09 -26.51 50.09
CA THR F 162 -39.13 -26.82 48.67
C THR F 162 -39.58 -28.25 48.40
N VAL F 163 -40.60 -28.41 47.56
CA VAL F 163 -41.07 -29.74 47.18
C VAL F 163 -40.83 -30.01 45.69
N CYS F 164 -40.94 -31.27 45.29
CA CYS F 164 -40.67 -31.66 43.91
C CYS F 164 -41.87 -32.31 43.24
N LEU F 165 -42.06 -32.02 41.96
CA LEU F 165 -43.11 -32.66 41.18
C LEU F 165 -42.57 -33.21 39.87
N ASP F 166 -42.99 -34.43 39.54
CA ASP F 166 -42.60 -35.07 38.29
C ASP F 166 -43.85 -35.33 37.46
N THR F 167 -43.91 -34.73 36.27
CA THR F 167 -45.09 -34.81 35.42
C THR F 167 -45.23 -36.16 34.71
N LEU F 168 -44.18 -36.96 34.76
CA LEU F 168 -44.21 -38.27 34.10
C LEU F 168 -45.07 -39.28 34.88
N PRO F 169 -44.85 -39.43 36.21
CA PRO F 169 -45.79 -40.31 36.91
C PRO F 169 -47.13 -39.64 37.14
N ALA F 170 -47.14 -38.31 37.12
CA ALA F 170 -48.35 -37.55 37.38
C ALA F 170 -49.37 -37.70 36.26
N LEU F 171 -48.93 -37.50 35.02
CA LEU F 171 -49.83 -37.53 33.88
C LEU F 171 -50.33 -38.95 33.57
N ARG F 172 -49.53 -39.96 33.92
CA ARG F 172 -49.95 -41.34 33.70
C ARG F 172 -50.83 -41.81 34.84
N GLY F 173 -50.76 -41.12 35.97
CA GLY F 173 -51.60 -41.45 37.12
C GLY F 173 -53.00 -40.89 36.96
N LEU F 174 -53.11 -39.81 36.20
CA LEU F 174 -54.40 -39.18 35.94
C LEU F 174 -55.20 -39.97 34.90
N ASP F 175 -54.53 -40.36 33.83
CA ASP F 175 -55.17 -41.13 32.76
C ASP F 175 -55.56 -42.52 33.24
N ARG F 176 -54.83 -43.01 34.23
CA ARG F 176 -55.10 -44.33 34.79
C ARG F 176 -56.33 -44.28 35.69
N ALA F 177 -56.64 -43.10 36.21
CA ALA F 177 -57.81 -42.93 37.06
C ALA F 177 -59.09 -42.93 36.24
N HIS F 178 -58.99 -42.51 34.98
CA HIS F 178 -60.15 -42.45 34.09
C HIS F 178 -60.30 -43.75 33.30
N SER F 179 -59.31 -44.63 33.42
CA SER F 179 -59.37 -45.94 32.79
C SER F 179 -60.20 -46.89 33.64
N HIS F 180 -60.81 -47.88 33.01
CA HIS F 180 -61.64 -48.84 33.72
C HIS F 180 -61.13 -50.27 33.53
N ARG F 187 -46.75 -48.49 27.07
CA ARG F 187 -47.91 -47.97 26.34
C ARG F 187 -48.91 -47.32 27.29
N LYS F 188 -49.32 -46.10 26.99
CA LYS F 188 -48.86 -45.38 25.80
C LYS F 188 -47.57 -44.63 26.07
N SER F 189 -47.10 -43.89 25.07
CA SER F 189 -45.89 -43.10 25.21
C SER F 189 -46.17 -41.85 26.03
N TYR F 190 -45.41 -41.67 27.11
CA TYR F 190 -45.54 -40.49 27.95
C TYR F 190 -44.28 -39.64 27.90
N SER F 191 -43.55 -39.77 26.80
CA SER F 191 -42.37 -38.95 26.56
C SER F 191 -42.79 -37.49 26.40
N LEU F 192 -41.85 -36.57 26.62
CA LEU F 192 -42.14 -35.14 26.51
C LEU F 192 -42.71 -34.79 25.14
N ALA F 193 -42.17 -35.42 24.10
CA ALA F 193 -42.60 -35.17 22.73
C ALA F 193 -43.96 -35.83 22.44
N SER F 194 -44.11 -37.06 22.88
CA SER F 194 -45.34 -37.83 22.63
C SER F 194 -46.57 -37.13 23.21
N LEU F 195 -46.43 -36.57 24.40
CA LEU F 195 -47.52 -35.89 25.07
C LEU F 195 -47.91 -34.62 24.31
N PHE F 196 -46.92 -34.00 23.68
CA PHE F 196 -47.13 -32.76 22.97
C PHE F 196 -47.91 -32.99 21.67
N HIS F 197 -47.68 -34.13 21.02
CA HIS F 197 -48.35 -34.42 19.76
C HIS F 197 -49.77 -34.92 19.99
N ARG F 198 -50.09 -35.27 21.23
CA ARG F 198 -51.42 -35.74 21.57
C ARG F 198 -52.30 -34.57 22.02
N TYR F 199 -51.73 -33.67 22.81
CA TYR F 199 -52.47 -32.56 23.38
C TYR F 199 -52.67 -31.44 22.37
N PHE F 200 -51.58 -31.02 21.74
CA PHE F 200 -51.62 -29.89 20.81
C PHE F 200 -51.72 -30.36 19.36
N GLN F 201 -51.65 -31.67 19.16
CA GLN F 201 -51.79 -32.28 17.84
C GLN F 201 -50.80 -31.71 16.82
N ALA F 202 -49.62 -31.33 17.31
CA ALA F 202 -48.59 -30.75 16.45
C ALA F 202 -47.20 -31.18 16.93
N GLU F 203 -46.19 -30.43 16.49
CA GLU F 203 -44.81 -30.72 16.87
C GLU F 203 -44.17 -29.48 17.49
N PRO F 204 -43.59 -29.64 18.69
CA PRO F 204 -42.97 -28.52 19.40
C PRO F 204 -41.82 -27.92 18.62
N SER F 205 -41.59 -26.62 18.80
CA SER F 205 -40.52 -25.92 18.09
C SER F 205 -39.14 -26.44 18.51
N ALA F 206 -38.14 -26.20 17.67
CA ALA F 206 -36.79 -26.67 17.93
C ALA F 206 -36.23 -26.06 19.20
N ALA F 207 -35.56 -26.87 20.01
CA ALA F 207 -34.99 -26.43 21.27
C ALA F 207 -33.77 -25.55 21.03
N SER F 209 -31.69 -26.39 23.33
CA SER F 209 -31.57 -25.60 24.55
C SER F 209 -32.44 -26.18 25.66
N ALA F 210 -31.98 -26.04 26.90
CA ALA F 210 -32.75 -26.50 28.05
C ALA F 210 -34.04 -25.68 28.16
N GLU F 211 -33.96 -24.43 27.74
CA GLU F 211 -35.09 -23.52 27.79
C GLU F 211 -36.23 -23.98 26.89
N GLY F 212 -35.89 -24.68 25.81
CA GLY F 212 -36.87 -25.18 24.88
C GLY F 212 -37.78 -26.23 25.49
N ASP F 213 -37.17 -27.24 26.10
CA ASP F 213 -37.92 -28.34 26.70
C ASP F 213 -38.72 -27.87 27.91
N VAL F 214 -38.23 -26.86 28.60
CA VAL F 214 -38.98 -26.26 29.71
C VAL F 214 -40.28 -25.66 29.18
N HIS F 215 -40.16 -24.95 28.06
CA HIS F 215 -41.31 -24.30 27.43
C HIS F 215 -42.37 -25.32 27.06
N THR F 216 -41.96 -26.43 26.44
CA THR F 216 -42.89 -27.47 26.05
C THR F 216 -43.55 -28.11 27.28
N LEU F 217 -42.76 -28.25 28.35
CA LEU F 217 -43.26 -28.81 29.60
C LEU F 217 -44.34 -27.93 30.21
N LEU F 218 -44.13 -26.61 30.16
CA LEU F 218 -45.07 -25.65 30.72
C LEU F 218 -46.40 -25.68 29.96
N LEU F 219 -46.31 -25.84 28.64
CA LEU F 219 -47.51 -25.92 27.81
C LEU F 219 -48.26 -27.21 28.09
N ILE F 220 -47.50 -28.30 28.27
CA ILE F 220 -48.09 -29.59 28.62
C ILE F 220 -48.77 -29.48 29.99
N PHE F 221 -48.11 -28.78 30.91
CA PHE F 221 -48.64 -28.59 32.25
C PHE F 221 -49.93 -27.78 32.20
N LEU F 222 -49.92 -26.68 31.45
CA LEU F 222 -51.08 -25.81 31.33
C LEU F 222 -52.30 -26.55 30.76
N HIS F 223 -52.05 -27.49 29.86
CA HIS F 223 -53.11 -28.25 29.23
C HIS F 223 -53.87 -29.10 30.26
N ARG F 224 -53.15 -29.57 31.28
CA ARG F 224 -53.75 -30.35 32.35
C ARG F 224 -53.53 -29.67 33.70
N ALA F 225 -53.54 -28.34 33.68
CA ALA F 225 -53.20 -27.54 34.86
C ALA F 225 -54.06 -27.81 36.11
N PRO F 226 -55.40 -27.82 35.97
CA PRO F 226 -56.17 -28.05 37.20
C PRO F 226 -55.95 -29.44 37.79
N GLU F 227 -55.80 -30.45 36.94
CA GLU F 227 -55.59 -31.81 37.40
C GLU F 227 -54.19 -32.00 37.99
N LEU F 228 -53.21 -31.36 37.38
CA LEU F 228 -51.83 -31.47 37.84
C LEU F 228 -51.58 -30.69 39.12
N LEU F 229 -52.25 -29.55 39.27
CA LEU F 229 -52.16 -28.79 40.50
C LEU F 229 -52.74 -29.60 41.66
N ALA F 230 -53.85 -30.28 41.40
CA ALA F 230 -54.46 -31.16 42.38
C ALA F 230 -53.52 -32.29 42.75
N TRP F 231 -52.94 -32.92 41.73
CA TRP F 231 -51.99 -34.02 41.93
C TRP F 231 -50.78 -33.57 42.74
N ALA F 232 -50.33 -32.35 42.47
CA ALA F 232 -49.17 -31.79 43.15
C ALA F 232 -49.46 -31.53 44.62
N ASP F 233 -50.67 -31.06 44.91
CA ASP F 233 -51.07 -30.80 46.28
C ASP F 233 -51.13 -32.07 47.10
N GLU F 234 -51.49 -33.17 46.44
CA GLU F 234 -51.64 -34.45 47.12
C GLU F 234 -50.29 -35.10 47.40
N GLN F 235 -49.53 -35.39 46.35
CA GLN F 235 -48.33 -36.21 46.49
C GLN F 235 -47.09 -35.61 45.83
N ALA F 236 -46.66 -34.46 46.32
CA ALA F 236 -45.39 -33.88 45.91
C ALA F 236 -44.32 -34.19 46.94
N ARG F 237 -43.19 -34.74 46.48
CA ARG F 237 -42.11 -35.11 47.38
C ARG F 237 -41.26 -33.90 47.76
N SER F 238 -40.65 -33.95 48.93
CA SER F 238 -39.79 -32.87 49.41
C SER F 238 -38.39 -32.99 48.82
N TRP F 239 -37.76 -31.85 48.57
CA TRP F 239 -36.41 -31.82 48.01
C TRP F 239 -35.39 -32.39 48.99
N ALA F 240 -35.68 -32.28 50.29
CA ALA F 240 -34.78 -32.77 51.32
C ALA F 240 -34.59 -34.28 51.23
N HIS F 241 -35.58 -34.97 50.66
CA HIS F 241 -35.53 -36.43 50.53
C HIS F 241 -34.92 -36.87 49.20
N ILE F 242 -34.61 -35.91 48.34
CA ILE F 242 -33.99 -36.23 47.05
C ILE F 242 -32.55 -36.66 47.26
N GLU F 243 -32.26 -37.91 46.88
CA GLU F 243 -30.91 -38.48 47.05
C GLU F 243 -30.04 -38.22 45.83
N PRO F 244 -28.74 -37.97 46.07
CA PRO F 244 -27.79 -37.70 44.98
C PRO F 244 -27.66 -38.86 44.00
N MET F 245 -27.41 -38.54 42.74
CA MET F 245 -27.25 -39.54 41.70
C MET F 245 -25.95 -40.32 41.91
N TYR F 246 -24.92 -39.61 42.37
CA TYR F 246 -23.63 -40.22 42.65
C TYR F 246 -22.82 -39.37 43.62
N VAL F 247 -21.67 -39.88 44.06
CA VAL F 247 -20.77 -39.15 44.94
C VAL F 247 -19.39 -39.03 44.32
N PRO F 248 -18.91 -37.79 44.14
CA PRO F 248 -17.62 -37.52 43.49
C PRO F 248 -16.44 -37.94 44.35
#